data_4J71
#
_entry.id   4J71
#
_cell.length_a   63.380
_cell.length_b   67.116
_cell.length_c   67.440
_cell.angle_alpha   99.800
_cell.angle_beta   102.940
_cell.angle_gamma   89.940
#
_symmetry.space_group_name_H-M   'P 1'
#
loop_
_entity.id
_entity.type
_entity.pdbx_description
1 polymer 'Glycogen synthase kinase-3 beta'
2 non-polymer (2R)-2-methyl-1,4-dihydropyrido[2,3-b]pyrazin-3(2H)-one
3 non-polymer 'SULFATE ION'
4 non-polymer 'CHLORIDE ION'
5 water water
#
_entity_poly.entity_id   1
_entity_poly.type   'polypeptide(L)'
_entity_poly.pdbx_seq_one_letter_code
;GSPGMSGRPRTTSFAESCKPVQQPSAFGSMKVSRDKDGSKVTTVVATPGQGPDRPQEVSYTDTKVIGNGSFGVVYQAKLC
DSGELVAIKKVLQDKRFKNRELQIMRKLDHCNIVRLRYFFYSSGEKKDEVYLNLVLDYVPETVYRVARHYSRAKQTLPVI
YVKLYMYQLFRSLAYIHSFGICHRDIKPQNLLLDPDTAVLKLCDFGSAKQLVRGEPNVS(PTR)ICSRYYRAPELIFGAT
DYTSSIDVWSAGCVLAELLLGQPIFPGDSGVDQLVEIIKVLGTPTREQIREMNPNYTEFKFPQIKAHPWTKVFRPRTPPE
AIALCSRLLEYTPTARLTPLEACAHSFFDELRDPNVKLPNGRDTPALFNFTTQELSSNPPLATILIPPHARIQAAASTPT
NATAASDANTGDRGQTNNAASASASNST
;
_entity_poly.pdbx_strand_id   A,B
#
loop_
_chem_comp.id
_chem_comp.type
_chem_comp.name
_chem_comp.formula
1JX non-polymer (2R)-2-methyl-1,4-dihydropyrido[2,3-b]pyrazin-3(2H)-one 'C8 H9 N3 O'
CL non-polymer 'CHLORIDE ION' 'Cl -1'
SO4 non-polymer 'SULFATE ION' 'O4 S -2'
#
# COMPACT_ATOMS: atom_id res chain seq x y z
N LYS A 40 -28.52 15.87 -12.66
CA LYS A 40 -28.36 14.86 -13.75
C LYS A 40 -28.86 13.49 -13.32
N VAL A 41 -29.69 12.88 -14.16
CA VAL A 41 -30.20 11.53 -13.91
C VAL A 41 -29.63 10.56 -14.94
N THR A 42 -29.00 9.49 -14.45
CA THR A 42 -28.38 8.51 -15.33
C THR A 42 -29.18 7.22 -15.39
N THR A 43 -29.27 6.63 -16.57
CA THR A 43 -29.99 5.39 -16.76
C THR A 43 -29.10 4.36 -17.43
N VAL A 44 -29.08 3.16 -16.86
CA VAL A 44 -28.31 2.08 -17.44
C VAL A 44 -29.16 0.83 -17.47
N VAL A 45 -28.77 -0.13 -18.31
CA VAL A 45 -29.41 -1.43 -18.32
C VAL A 45 -28.59 -2.36 -17.44
N ALA A 46 -29.09 -2.64 -16.24
CA ALA A 46 -28.33 -3.38 -15.25
C ALA A 46 -28.99 -4.70 -14.87
N THR A 47 -28.17 -5.72 -14.66
CA THR A 47 -28.65 -7.02 -14.24
C THR A 47 -28.58 -7.18 -12.72
N PRO A 48 -29.68 -7.61 -12.10
CA PRO A 48 -29.67 -7.85 -10.65
C PRO A 48 -28.54 -8.80 -10.28
N GLY A 49 -27.97 -8.61 -9.09
CA GLY A 49 -26.80 -9.36 -8.66
C GLY A 49 -27.08 -10.83 -8.36
N GLN A 50 -28.02 -11.07 -7.45
CA GLN A 50 -28.35 -12.43 -7.04
C GLN A 50 -29.52 -12.99 -7.85
N GLY A 51 -30.28 -12.10 -8.47
CA GLY A 51 -31.45 -12.49 -9.24
C GLY A 51 -31.10 -13.20 -10.53
N PRO A 52 -32.13 -13.60 -11.30
CA PRO A 52 -31.96 -14.26 -12.59
C PRO A 52 -31.28 -13.33 -13.58
N ASP A 53 -30.72 -13.90 -14.65
CA ASP A 53 -29.89 -13.15 -15.57
C ASP A 53 -30.70 -12.33 -16.59
N ARG A 54 -31.53 -11.41 -16.09
CA ARG A 54 -32.38 -10.61 -16.98
C ARG A 54 -32.29 -9.11 -16.70
N PRO A 55 -31.62 -8.37 -17.59
CA PRO A 55 -31.31 -6.95 -17.46
C PRO A 55 -32.54 -6.04 -17.38
N GLN A 56 -32.51 -5.07 -16.48
CA GLN A 56 -33.56 -4.09 -16.39
C GLN A 56 -33.00 -2.68 -16.37
N GLU A 57 -33.84 -1.69 -16.65
CA GLU A 57 -33.41 -0.31 -16.60
C GLU A 57 -33.28 0.18 -15.16
N VAL A 58 -32.15 0.80 -14.86
CA VAL A 58 -31.93 1.36 -13.53
C VAL A 58 -31.52 2.82 -13.66
N SER A 59 -32.17 3.68 -12.86
CA SER A 59 -31.87 5.09 -12.87
C SER A 59 -31.32 5.56 -11.53
N TYR A 60 -30.29 6.41 -11.58
CA TYR A 60 -29.71 6.99 -10.37
C TYR A 60 -29.20 8.41 -10.62
N THR A 61 -29.03 9.17 -9.55
CA THR A 61 -28.52 10.53 -9.64
C THR A 61 -27.65 10.85 -8.42
N ASP A 62 -27.24 12.11 -8.28
CA ASP A 62 -26.41 12.52 -7.16
C ASP A 62 -25.12 11.72 -7.12
N THR A 63 -24.42 11.67 -8.25
CA THR A 63 -23.22 10.85 -8.38
C THR A 63 -21.97 11.62 -7.98
N LYS A 64 -21.21 11.07 -7.03
CA LYS A 64 -19.94 11.66 -6.65
C LYS A 64 -18.89 10.60 -6.29
N VAL A 65 -17.63 10.91 -6.59
CA VAL A 65 -16.52 10.02 -6.30
C VAL A 65 -16.29 9.93 -4.80
N ILE A 66 -16.05 8.72 -4.30
CA ILE A 66 -15.78 8.52 -2.89
C ILE A 66 -14.63 7.56 -2.69
N GLY A 67 -14.16 6.94 -3.76
CA GLY A 67 -13.12 5.92 -3.64
C GLY A 67 -12.25 5.76 -4.86
N ASN A 68 -11.13 5.08 -4.69
CA ASN A 68 -10.11 4.99 -5.71
C ASN A 68 -9.37 3.67 -5.56
N GLY A 69 -8.55 3.32 -6.55
CA GLY A 69 -7.78 2.09 -6.47
C GLY A 69 -7.22 1.67 -7.80
N SER A 70 -6.36 0.66 -7.78
CA SER A 70 -5.75 0.15 -9.01
C SER A 70 -6.82 -0.37 -9.95
N PHE A 71 -7.97 -0.73 -9.38
CA PHE A 71 -9.06 -1.32 -10.15
C PHE A 71 -9.86 -0.26 -10.90
N GLY A 72 -9.88 0.95 -10.37
CA GLY A 72 -10.64 2.03 -10.97
C GLY A 72 -11.14 3.06 -9.98
N VAL A 73 -12.45 3.21 -9.89
CA VAL A 73 -13.07 4.29 -9.12
C VAL A 73 -14.34 3.80 -8.44
N VAL A 74 -14.74 4.47 -7.36
CA VAL A 74 -15.96 4.12 -6.64
C VAL A 74 -16.82 5.37 -6.43
N TYR A 75 -18.08 5.29 -6.84
CA TYR A 75 -19.00 6.41 -6.73
C TYR A 75 -20.07 6.16 -5.69
N GLN A 76 -20.65 7.24 -5.18
CA GLN A 76 -21.87 7.14 -4.39
C GLN A 76 -22.99 7.68 -5.25
N ALA A 77 -24.15 7.02 -5.20
CA ALA A 77 -25.31 7.48 -5.97
C ALA A 77 -26.59 7.17 -5.22
N LYS A 78 -27.68 7.77 -5.67
CA LYS A 78 -28.99 7.49 -5.10
C LYS A 78 -29.93 6.95 -6.19
N LEU A 79 -30.54 5.80 -5.91
CA LEU A 79 -31.47 5.18 -6.84
C LEU A 79 -32.76 5.99 -6.90
N CYS A 80 -33.21 6.28 -8.13
CA CYS A 80 -34.42 7.08 -8.33
C CYS A 80 -35.67 6.38 -7.79
N ASP A 81 -35.68 5.06 -7.81
CA ASP A 81 -36.82 4.29 -7.32
C ASP A 81 -36.97 4.37 -5.82
N SER A 82 -36.01 3.82 -5.09
CA SER A 82 -36.09 3.70 -3.65
C SER A 82 -35.44 4.87 -2.93
N GLY A 83 -34.84 5.78 -3.69
CA GLY A 83 -34.10 6.88 -3.11
C GLY A 83 -32.98 6.39 -2.19
N GLU A 84 -32.74 5.08 -2.20
CA GLU A 84 -31.68 4.47 -1.40
C GLU A 84 -30.30 4.80 -1.95
N LEU A 85 -29.33 4.95 -1.04
CA LEU A 85 -27.96 5.21 -1.42
C LEU A 85 -27.22 3.94 -1.81
N VAL A 86 -26.32 4.04 -2.77
CA VAL A 86 -25.54 2.89 -3.20
C VAL A 86 -24.14 3.29 -3.64
N ALA A 87 -23.21 2.34 -3.53
CA ALA A 87 -21.88 2.51 -4.04
C ALA A 87 -21.80 1.85 -5.40
N ILE A 88 -21.14 2.51 -6.35
CA ILE A 88 -20.86 1.88 -7.64
C ILE A 88 -19.36 1.73 -7.81
N LYS A 89 -18.90 0.48 -7.81
CA LYS A 89 -17.50 0.19 -8.06
C LYS A 89 -17.26 -0.01 -9.55
N LYS A 90 -16.43 0.86 -10.13
CA LYS A 90 -16.17 0.84 -11.57
C LYS A 90 -14.78 0.27 -11.85
N VAL A 91 -14.76 -0.87 -12.53
CA VAL A 91 -13.53 -1.59 -12.81
C VAL A 91 -13.31 -1.77 -14.31
N LEU A 92 -12.10 -1.50 -14.76
CA LEU A 92 -11.75 -1.74 -16.16
C LEU A 92 -11.84 -3.24 -16.44
N GLN A 93 -12.49 -3.60 -17.55
CA GLN A 93 -12.75 -5.01 -17.83
C GLN A 93 -12.05 -5.52 -19.08
N ASP A 94 -11.28 -6.60 -18.92
CA ASP A 94 -10.65 -7.28 -20.03
C ASP A 94 -11.69 -8.16 -20.72
N LYS A 95 -12.38 -7.59 -21.69
CA LYS A 95 -13.50 -8.26 -22.35
C LYS A 95 -13.23 -9.74 -22.67
N ARG A 96 -11.96 -10.12 -22.69
CA ARG A 96 -11.59 -11.49 -23.04
C ARG A 96 -11.75 -12.46 -21.87
N PHE A 97 -11.38 -12.00 -20.68
CA PHE A 97 -11.48 -12.83 -19.48
C PHE A 97 -12.65 -12.43 -18.59
N LYS A 98 -13.10 -13.37 -17.76
CA LYS A 98 -14.19 -13.12 -16.83
C LYS A 98 -13.70 -12.43 -15.56
N ASN A 99 -14.56 -11.61 -14.97
CA ASN A 99 -14.21 -10.91 -13.73
C ASN A 99 -14.43 -11.78 -12.50
N ARG A 100 -13.32 -12.13 -11.84
CA ARG A 100 -13.37 -13.00 -10.68
C ARG A 100 -14.24 -12.44 -9.55
N GLU A 101 -14.19 -11.11 -9.36
CA GLU A 101 -14.95 -10.49 -8.28
C GLU A 101 -16.44 -10.54 -8.55
N LEU A 102 -16.81 -10.33 -9.81
CA LEU A 102 -18.21 -10.44 -10.20
C LEU A 102 -18.73 -11.85 -9.90
N GLN A 103 -18.01 -12.86 -10.38
CA GLN A 103 -18.41 -14.25 -10.19
C GLN A 103 -18.69 -14.52 -8.72
N ILE A 104 -17.72 -14.19 -7.88
CA ILE A 104 -17.86 -14.39 -6.44
C ILE A 104 -19.03 -13.61 -5.86
N MET A 105 -19.13 -12.33 -6.20
CA MET A 105 -20.19 -11.49 -5.65
C MET A 105 -21.59 -12.02 -5.96
N ARG A 106 -21.78 -12.60 -7.15
CA ARG A 106 -23.09 -13.11 -7.54
C ARG A 106 -23.51 -14.33 -6.71
N LYS A 107 -22.53 -15.08 -6.21
CA LYS A 107 -22.80 -16.28 -5.40
C LYS A 107 -23.23 -15.96 -3.97
N LEU A 108 -22.82 -14.80 -3.46
CA LEU A 108 -22.99 -14.51 -2.04
C LEU A 108 -24.34 -13.88 -1.67
N ASP A 109 -24.89 -14.34 -0.55
CA ASP A 109 -26.13 -13.80 -0.02
C ASP A 109 -26.13 -13.87 1.50
N HIS A 110 -25.60 -12.85 2.15
CA HIS A 110 -25.43 -12.90 3.60
C HIS A 110 -25.60 -11.53 4.25
N CYS A 111 -26.23 -11.51 5.42
CA CYS A 111 -26.48 -10.29 6.18
C CYS A 111 -25.19 -9.56 6.57
N ASN A 112 -24.10 -10.30 6.73
CA ASN A 112 -22.83 -9.71 7.12
C ASN A 112 -21.86 -9.56 5.94
N ILE A 113 -22.43 -9.49 4.74
CA ILE A 113 -21.67 -9.18 3.54
C ILE A 113 -22.41 -8.14 2.71
N VAL A 114 -21.67 -7.15 2.22
CA VAL A 114 -22.26 -6.15 1.36
C VAL A 114 -22.80 -6.84 0.12
N ARG A 115 -24.08 -6.64 -0.17
CA ARG A 115 -24.68 -7.37 -1.28
C ARG A 115 -24.61 -6.60 -2.60
N LEU A 116 -24.40 -7.36 -3.67
CA LEU A 116 -24.39 -6.82 -5.01
C LEU A 116 -25.83 -6.61 -5.48
N ARG A 117 -26.25 -5.35 -5.56
CA ARG A 117 -27.59 -5.01 -6.02
C ARG A 117 -27.72 -5.26 -7.52
N TYR A 118 -26.77 -4.73 -8.28
CA TYR A 118 -26.80 -4.80 -9.74
C TYR A 118 -25.39 -4.75 -10.29
N PHE A 119 -25.26 -5.12 -11.57
CA PHE A 119 -24.03 -4.87 -12.29
C PHE A 119 -24.32 -4.50 -13.74
N PHE A 120 -23.57 -3.56 -14.27
CA PHE A 120 -23.72 -3.15 -15.66
C PHE A 120 -22.38 -2.78 -16.27
N TYR A 121 -22.39 -2.56 -17.58
CA TYR A 121 -21.17 -2.20 -18.27
C TYR A 121 -21.31 -0.81 -18.88
N SER A 122 -20.17 -0.17 -19.14
CA SER A 122 -20.15 1.18 -19.69
C SER A 122 -18.87 1.41 -20.49
N SER A 123 -18.84 2.50 -21.24
CA SER A 123 -17.65 2.89 -21.98
C SER A 123 -16.78 3.78 -21.10
N GLY A 124 -15.50 3.92 -21.45
CA GLY A 124 -14.57 4.71 -20.65
C GLY A 124 -13.73 5.68 -21.44
N GLU A 125 -12.52 5.27 -21.80
CA GLU A 125 -11.61 6.13 -22.57
C GLU A 125 -11.57 5.71 -24.04
N LYS A 126 -10.64 4.82 -24.38
CA LYS A 126 -10.53 4.32 -25.74
C LYS A 126 -11.82 3.65 -26.18
N LYS A 127 -12.03 3.54 -27.49
CA LYS A 127 -13.24 2.94 -28.03
C LYS A 127 -13.31 1.45 -27.74
N ASP A 128 -12.18 0.87 -27.36
CA ASP A 128 -12.10 -0.58 -27.14
C ASP A 128 -12.15 -0.96 -25.66
N GLU A 129 -12.24 0.04 -24.79
CA GLU A 129 -12.27 -0.21 -23.35
C GLU A 129 -13.69 -0.36 -22.80
N VAL A 130 -13.89 -1.39 -21.98
CA VAL A 130 -15.18 -1.65 -21.37
C VAL A 130 -15.06 -1.73 -19.85
N TYR A 131 -15.96 -1.03 -19.16
CA TYR A 131 -15.92 -1.00 -17.70
C TYR A 131 -17.09 -1.76 -17.08
N LEU A 132 -16.77 -2.63 -16.14
CA LEU A 132 -17.77 -3.29 -15.32
C LEU A 132 -18.13 -2.39 -14.16
N ASN A 133 -19.42 -2.28 -13.85
CA ASN A 133 -19.85 -1.49 -12.70
C ASN A 133 -20.61 -2.33 -11.69
N LEU A 134 -20.15 -2.31 -10.45
CA LEU A 134 -20.79 -3.06 -9.39
C LEU A 134 -21.59 -2.13 -8.51
N VAL A 135 -22.90 -2.35 -8.46
CA VAL A 135 -23.77 -1.53 -7.62
C VAL A 135 -23.98 -2.23 -6.29
N LEU A 136 -23.39 -1.67 -5.24
CA LEU A 136 -23.33 -2.32 -3.94
C LEU A 136 -24.05 -1.51 -2.86
N ASP A 137 -24.37 -2.17 -1.76
CA ASP A 137 -24.89 -1.48 -0.58
C ASP A 137 -23.97 -0.31 -0.25
N TYR A 138 -24.55 0.77 0.24
CA TYR A 138 -23.76 1.91 0.68
C TYR A 138 -23.76 1.98 2.20
N VAL A 139 -22.60 1.74 2.80
CA VAL A 139 -22.45 1.83 4.23
C VAL A 139 -21.18 2.62 4.51
N PRO A 140 -21.33 3.81 5.11
CA PRO A 140 -20.26 4.82 5.13
C PRO A 140 -19.24 4.58 6.23
N GLU A 141 -19.69 4.23 7.42
CA GLU A 141 -18.80 4.05 8.56
C GLU A 141 -18.01 2.74 8.42
N THR A 142 -16.81 2.73 8.99
CA THR A 142 -15.98 1.53 8.95
C THR A 142 -15.38 1.27 10.33
N VAL A 143 -15.07 0.00 10.59
CA VAL A 143 -14.37 -0.34 11.83
C VAL A 143 -13.11 0.51 11.96
N TYR A 144 -12.48 0.83 10.84
CA TYR A 144 -11.22 1.57 10.86
C TYR A 144 -11.40 3.00 11.38
N ARG A 145 -12.42 3.68 10.86
CA ARG A 145 -12.70 5.05 11.27
C ARG A 145 -13.14 5.06 12.72
N VAL A 146 -14.02 4.14 13.07
CA VAL A 146 -14.51 4.05 14.43
C VAL A 146 -13.38 3.82 15.41
N ALA A 147 -12.49 2.89 15.09
CA ALA A 147 -11.37 2.57 15.97
C ALA A 147 -10.40 3.74 16.04
N ARG A 148 -10.35 4.53 14.98
CA ARG A 148 -9.43 5.67 14.93
C ARG A 148 -9.91 6.78 15.86
N HIS A 149 -11.23 7.01 15.88
CA HIS A 149 -11.82 8.00 16.77
C HIS A 149 -11.40 7.71 18.22
N TYR A 150 -11.49 6.45 18.62
CA TYR A 150 -11.12 6.06 19.97
C TYR A 150 -9.63 6.20 20.21
N SER A 151 -8.83 5.77 19.24
CA SER A 151 -7.38 5.81 19.38
C SER A 151 -6.90 7.25 19.58
N ARG A 152 -7.47 8.18 18.82
CA ARG A 152 -7.06 9.57 18.90
C ARG A 152 -7.58 10.27 20.16
N ALA A 153 -8.67 9.75 20.73
CA ALA A 153 -9.18 10.27 21.99
C ALA A 153 -8.56 9.54 23.18
N LYS A 154 -7.49 8.79 22.91
CA LYS A 154 -6.81 8.02 23.95
C LYS A 154 -7.82 7.20 24.74
N GLN A 155 -8.85 6.71 24.04
CA GLN A 155 -9.89 5.88 24.64
C GLN A 155 -9.82 4.46 24.10
N THR A 156 -10.54 3.55 24.73
CA THR A 156 -10.62 2.18 24.26
C THR A 156 -12.04 1.89 23.79
N LEU A 157 -12.16 1.17 22.69
CA LEU A 157 -13.47 0.75 22.22
C LEU A 157 -14.05 -0.24 23.22
N PRO A 158 -15.28 0.03 23.70
CA PRO A 158 -15.95 -0.88 24.64
C PRO A 158 -16.00 -2.31 24.13
N VAL A 159 -15.63 -3.26 24.99
CA VAL A 159 -15.56 -4.67 24.61
C VAL A 159 -16.83 -5.18 23.94
N ILE A 160 -17.98 -4.62 24.31
CA ILE A 160 -19.25 -5.06 23.73
C ILE A 160 -19.25 -4.92 22.20
N TYR A 161 -18.67 -3.82 21.71
CA TYR A 161 -18.57 -3.61 20.26
C TYR A 161 -17.56 -4.55 19.63
N VAL A 162 -16.43 -4.74 20.30
CA VAL A 162 -15.42 -5.69 19.85
C VAL A 162 -16.06 -7.05 19.62
N LYS A 163 -16.83 -7.52 20.60
CA LYS A 163 -17.54 -8.79 20.46
C LYS A 163 -18.49 -8.77 19.27
N LEU A 164 -19.31 -7.72 19.18
CA LEU A 164 -20.28 -7.60 18.11
C LEU A 164 -19.61 -7.64 16.74
N TYR A 165 -18.61 -6.78 16.57
CA TYR A 165 -17.94 -6.66 15.28
C TYR A 165 -17.22 -7.95 14.91
N MET A 166 -16.39 -8.45 15.82
CA MET A 166 -15.59 -9.63 15.55
C MET A 166 -16.46 -10.84 15.27
N TYR A 167 -17.54 -10.97 16.01
CA TYR A 167 -18.45 -12.10 15.83
C TYR A 167 -19.05 -12.11 14.43
N GLN A 168 -19.52 -10.96 13.97
CA GLN A 168 -20.13 -10.84 12.65
C GLN A 168 -19.08 -11.08 11.56
N LEU A 169 -17.86 -10.61 11.81
CA LEU A 169 -16.78 -10.87 10.87
C LEU A 169 -16.54 -12.37 10.75
N PHE A 170 -16.48 -13.06 11.88
CA PHE A 170 -16.21 -14.50 11.86
C PHE A 170 -17.35 -15.24 11.19
N ARG A 171 -18.56 -14.72 11.36
CA ARG A 171 -19.71 -15.34 10.74
C ARG A 171 -19.66 -15.18 9.21
N SER A 172 -19.27 -14.01 8.74
CA SER A 172 -19.19 -13.77 7.30
C SER A 172 -18.09 -14.63 6.68
N LEU A 173 -17.01 -14.83 7.43
CA LEU A 173 -15.91 -15.66 6.97
C LEU A 173 -16.28 -17.14 6.95
N ALA A 174 -17.07 -17.55 7.93
CA ALA A 174 -17.56 -18.92 7.95
C ALA A 174 -18.39 -19.18 6.71
N TYR A 175 -19.17 -18.18 6.31
CA TYR A 175 -20.03 -18.29 5.15
C TYR A 175 -19.23 -18.45 3.86
N ILE A 176 -18.34 -17.51 3.59
CA ILE A 176 -17.56 -17.54 2.35
C ILE A 176 -16.61 -18.73 2.29
N HIS A 177 -16.05 -19.11 3.42
CA HIS A 177 -15.12 -20.23 3.46
CA HIS A 177 -15.12 -20.23 3.46
C HIS A 177 -15.79 -21.54 3.11
N SER A 178 -17.08 -21.65 3.43
CA SER A 178 -17.85 -22.86 3.12
C SER A 178 -17.95 -23.07 1.60
N PHE A 179 -17.70 -22.02 0.83
CA PHE A 179 -17.68 -22.12 -0.63
C PHE A 179 -16.26 -22.33 -1.13
N GLY A 180 -15.31 -22.39 -0.21
CA GLY A 180 -13.90 -22.49 -0.57
C GLY A 180 -13.36 -21.16 -1.07
N ILE A 181 -14.10 -20.09 -0.80
CA ILE A 181 -13.70 -18.74 -1.20
C ILE A 181 -12.93 -18.05 -0.07
N CYS A 182 -11.74 -17.56 -0.41
CA CYS A 182 -10.91 -16.82 0.53
C CYS A 182 -10.89 -15.33 0.19
N HIS A 183 -11.07 -14.48 1.20
CA HIS A 183 -11.18 -13.03 0.98
C HIS A 183 -9.84 -12.39 0.66
N ARG A 184 -8.82 -12.72 1.45
CA ARG A 184 -7.45 -12.30 1.19
C ARG A 184 -7.17 -10.84 1.44
N ASP A 185 -8.14 -10.10 1.96
CA ASP A 185 -7.91 -8.69 2.26
C ASP A 185 -8.69 -8.25 3.49
N ILE A 186 -8.76 -9.12 4.49
CA ILE A 186 -9.41 -8.76 5.74
C ILE A 186 -8.60 -7.67 6.42
N LYS A 187 -9.22 -6.50 6.60
CA LYS A 187 -8.61 -5.40 7.32
C LYS A 187 -9.71 -4.44 7.79
N PRO A 188 -9.41 -3.59 8.78
CA PRO A 188 -10.40 -2.70 9.38
C PRO A 188 -11.10 -1.83 8.34
N GLN A 189 -10.39 -1.42 7.29
CA GLN A 189 -10.97 -0.57 6.26
C GLN A 189 -12.06 -1.28 5.47
N ASN A 190 -12.05 -2.61 5.48
CA ASN A 190 -13.02 -3.38 4.70
C ASN A 190 -14.18 -3.91 5.54
N LEU A 191 -14.39 -3.30 6.71
CA LEU A 191 -15.51 -3.68 7.57
C LEU A 191 -16.46 -2.48 7.74
N LEU A 192 -17.53 -2.48 6.96
CA LEU A 192 -18.48 -1.38 6.97
C LEU A 192 -19.47 -1.52 8.12
N LEU A 193 -19.82 -0.39 8.74
CA LEU A 193 -20.65 -0.39 9.93
C LEU A 193 -21.89 0.47 9.77
N ASP A 194 -23.04 -0.05 10.22
CA ASP A 194 -24.20 0.78 10.43
C ASP A 194 -24.19 1.18 11.90
N PRO A 195 -23.81 2.44 12.18
CA PRO A 195 -23.61 2.90 13.56
C PRO A 195 -24.81 2.68 14.47
N ASP A 196 -26.02 2.72 13.91
CA ASP A 196 -27.25 2.62 14.71
C ASP A 196 -27.63 1.19 15.09
N THR A 197 -27.40 0.24 14.18
CA THR A 197 -27.79 -1.14 14.43
C THR A 197 -26.60 -2.01 14.82
N ALA A 198 -25.41 -1.44 14.69
CA ALA A 198 -24.16 -2.18 14.94
C ALA A 198 -24.04 -3.38 14.03
N VAL A 199 -24.77 -3.37 12.92
CA VAL A 199 -24.62 -4.40 11.90
C VAL A 199 -23.29 -4.19 11.19
N LEU A 200 -22.54 -5.27 10.99
CA LEU A 200 -21.27 -5.19 10.28
C LEU A 200 -21.38 -5.92 8.96
N LYS A 201 -20.69 -5.42 7.94
CA LYS A 201 -20.70 -6.04 6.62
C LYS A 201 -19.31 -6.05 6.01
N LEU A 202 -18.91 -7.24 5.54
CA LEU A 202 -17.66 -7.41 4.84
C LEU A 202 -17.79 -6.91 3.41
N CYS A 203 -16.79 -6.17 2.93
CA CYS A 203 -16.83 -5.60 1.59
C CYS A 203 -15.51 -5.79 0.85
N ASP A 204 -15.45 -5.33 -0.40
CA ASP A 204 -14.24 -5.37 -1.22
C ASP A 204 -13.69 -6.77 -1.48
N PHE A 205 -14.31 -7.46 -2.45
CA PHE A 205 -13.88 -8.80 -2.84
C PHE A 205 -12.96 -8.79 -4.04
N GLY A 206 -12.27 -7.67 -4.25
CA GLY A 206 -11.31 -7.53 -5.34
C GLY A 206 -10.07 -8.38 -5.22
N SER A 207 -9.80 -8.91 -4.03
CA SER A 207 -8.63 -9.79 -3.82
C SER A 207 -9.08 -11.23 -3.54
N ALA A 208 -10.39 -11.45 -3.51
CA ALA A 208 -10.93 -12.73 -3.11
C ALA A 208 -10.73 -13.76 -4.21
N LYS A 209 -10.66 -15.03 -3.82
CA LYS A 209 -10.48 -16.12 -4.77
C LYS A 209 -10.97 -17.44 -4.22
N GLN A 210 -11.42 -18.33 -5.10
CA GLN A 210 -11.80 -19.67 -4.70
C GLN A 210 -10.57 -20.56 -4.74
N LEU A 211 -10.07 -20.93 -3.56
CA LEU A 211 -8.85 -21.72 -3.46
C LEU A 211 -9.08 -23.15 -3.90
N VAL A 212 -8.14 -23.67 -4.69
CA VAL A 212 -8.19 -25.04 -5.17
C VAL A 212 -6.93 -25.81 -4.79
N ARG A 213 -7.07 -26.79 -3.91
CA ARG A 213 -5.96 -27.64 -3.54
C ARG A 213 -5.23 -28.09 -4.80
N GLY A 214 -3.91 -27.88 -4.84
CA GLY A 214 -3.11 -28.25 -5.99
C GLY A 214 -2.68 -27.05 -6.82
N GLU A 215 -3.59 -26.08 -6.97
CA GLU A 215 -3.31 -24.89 -7.76
C GLU A 215 -2.75 -23.77 -6.89
N PRO A 216 -1.67 -23.11 -7.38
CA PRO A 216 -0.91 -22.14 -6.60
C PRO A 216 -1.53 -20.75 -6.59
N ASN A 217 -1.35 -20.03 -5.49
CA ASN A 217 -1.88 -18.68 -5.33
C ASN A 217 -0.74 -17.70 -5.06
N VAL A 218 -0.95 -16.43 -5.40
CA VAL A 218 0.09 -15.42 -5.19
C VAL A 218 0.31 -15.21 -3.69
N SER A 219 1.56 -14.98 -3.29
CA SER A 219 1.89 -14.90 -1.86
C SER A 219 1.80 -13.47 -1.31
N PTR A 220 2.30 -12.50 -2.06
CA PTR A 220 2.26 -11.10 -1.64
C PTR A 220 0.85 -10.60 -1.80
O PTR A 220 0.51 -9.93 -2.78
CB PTR A 220 3.18 -10.28 -2.54
CG PTR A 220 3.47 -8.91 -1.94
CD1 PTR A 220 4.36 -8.80 -0.89
CD2 PTR A 220 2.85 -7.78 -2.47
CE1 PTR A 220 4.64 -7.54 -0.35
CE2 PTR A 220 3.12 -6.52 -1.92
CZ PTR A 220 4.01 -6.40 -0.86
OH PTR A 220 4.29 -5.17 -0.32
P PTR A 220 3.47 -4.55 0.92
O1P PTR A 220 2.03 -4.88 0.63
O2P PTR A 220 4.06 -5.21 2.14
O3P PTR A 220 3.76 -3.07 0.84
N ILE A 221 0.01 -10.93 -0.82
CA ILE A 221 -1.41 -10.62 -0.87
C ILE A 221 -1.86 -10.22 0.54
N CYS A 222 -3.02 -9.58 0.64
CA CYS A 222 -3.50 -9.03 1.92
C CYS A 222 -2.75 -7.74 2.25
N SER A 223 -3.41 -6.86 2.98
CA SER A 223 -2.74 -5.68 3.51
C SER A 223 -1.68 -6.12 4.52
N ARG A 224 -0.54 -5.45 4.49
CA ARG A 224 0.66 -5.89 5.21
C ARG A 224 0.45 -6.22 6.68
N TYR A 225 -0.10 -5.28 7.46
CA TYR A 225 -0.30 -5.51 8.89
C TYR A 225 -1.11 -6.77 9.16
N TYR A 226 -1.97 -7.14 8.23
CA TYR A 226 -2.93 -8.23 8.44
C TYR A 226 -2.53 -9.48 7.67
N ARG A 227 -1.33 -9.44 7.09
CA ARG A 227 -0.80 -10.54 6.30
C ARG A 227 -0.28 -11.68 7.17
N ALA A 228 -0.79 -12.88 6.90
CA ALA A 228 -0.38 -14.09 7.61
C ALA A 228 1.09 -14.41 7.36
N PRO A 229 1.74 -15.03 8.36
CA PRO A 229 3.16 -15.34 8.32
C PRO A 229 3.57 -16.26 7.17
N GLU A 230 2.74 -17.23 6.81
CA GLU A 230 3.08 -18.11 5.69
C GLU A 230 3.20 -17.33 4.38
N LEU A 231 2.33 -16.34 4.19
CA LEU A 231 2.39 -15.49 2.99
C LEU A 231 3.75 -14.79 2.90
N ILE A 232 4.23 -14.31 4.03
CA ILE A 232 5.54 -13.67 4.08
C ILE A 232 6.65 -14.68 3.79
N PHE A 233 6.40 -15.94 4.12
CA PHE A 233 7.34 -17.01 3.80
C PHE A 233 7.26 -17.42 2.33
N GLY A 234 6.48 -16.69 1.55
CA GLY A 234 6.39 -16.91 0.11
C GLY A 234 5.55 -18.12 -0.28
N ALA A 235 4.81 -18.66 0.67
CA ALA A 235 3.93 -19.79 0.41
C ALA A 235 2.97 -19.49 -0.74
N THR A 236 2.65 -20.52 -1.53
CA THR A 236 1.72 -20.39 -2.65
C THR A 236 0.67 -21.47 -2.54
N ASP A 237 0.91 -22.40 -1.63
CA ASP A 237 -0.07 -23.44 -1.32
C ASP A 237 -0.67 -23.18 0.06
N TYR A 238 -1.38 -22.07 0.19
CA TYR A 238 -1.99 -21.70 1.47
C TYR A 238 -3.50 -21.88 1.44
N THR A 239 -4.12 -21.76 2.61
CA THR A 239 -5.57 -21.99 2.75
C THR A 239 -6.29 -20.75 3.27
N SER A 240 -7.62 -20.84 3.32
CA SER A 240 -8.44 -19.72 3.74
C SER A 240 -8.21 -19.35 5.20
N SER A 241 -7.24 -20.00 5.83
CA SER A 241 -6.94 -19.71 7.23
C SER A 241 -6.10 -18.43 7.34
N ILE A 242 -5.65 -17.93 6.20
CA ILE A 242 -4.96 -16.63 6.19
C ILE A 242 -5.91 -15.52 6.63
N ASP A 243 -7.20 -15.67 6.32
CA ASP A 243 -8.22 -14.70 6.70
C ASP A 243 -8.39 -14.69 8.21
N VAL A 244 -8.17 -15.85 8.81
CA VAL A 244 -8.32 -16.01 10.24
C VAL A 244 -7.20 -15.29 10.95
N TRP A 245 -5.99 -15.41 10.41
CA TRP A 245 -4.87 -14.65 10.91
C TRP A 245 -5.23 -13.16 10.87
N SER A 246 -5.64 -12.71 9.68
CA SER A 246 -6.04 -11.31 9.51
C SER A 246 -7.07 -10.88 10.55
N ALA A 247 -8.10 -11.70 10.74
CA ALA A 247 -9.15 -11.40 11.73
C ALA A 247 -8.55 -11.23 13.12
N GLY A 248 -7.64 -12.13 13.49
CA GLY A 248 -6.93 -12.02 14.76
C GLY A 248 -6.16 -10.71 14.88
N CYS A 249 -5.59 -10.27 13.77
CA CYS A 249 -4.91 -8.98 13.74
C CYS A 249 -5.87 -7.83 14.01
N VAL A 250 -7.08 -7.94 13.50
CA VAL A 250 -8.09 -6.91 13.72
C VAL A 250 -8.51 -6.89 15.19
N LEU A 251 -8.76 -8.07 15.75
CA LEU A 251 -9.14 -8.20 17.16
C LEU A 251 -8.09 -7.53 18.04
N ALA A 252 -6.85 -7.99 17.92
CA ALA A 252 -5.74 -7.43 18.68
C ALA A 252 -5.71 -5.91 18.56
N GLU A 253 -5.79 -5.42 17.32
CA GLU A 253 -5.77 -3.98 17.08
C GLU A 253 -6.87 -3.26 17.84
N LEU A 254 -8.06 -3.86 17.86
CA LEU A 254 -9.19 -3.27 18.55
C LEU A 254 -8.96 -3.25 20.07
N LEU A 255 -8.32 -4.30 20.58
CA LEU A 255 -7.99 -4.39 22.00
C LEU A 255 -6.88 -3.43 22.41
N LEU A 256 -5.96 -3.20 21.47
CA LEU A 256 -4.76 -2.41 21.76
C LEU A 256 -4.87 -0.91 21.45
N GLY A 257 -5.69 -0.55 20.47
CA GLY A 257 -5.78 0.84 20.04
C GLY A 257 -4.78 1.18 18.94
N GLN A 258 -4.10 0.17 18.43
CA GLN A 258 -3.16 0.35 17.32
C GLN A 258 -2.76 -1.00 16.75
N PRO A 259 -2.30 -1.03 15.50
CA PRO A 259 -1.92 -2.29 14.87
C PRO A 259 -0.98 -3.09 15.77
N ILE A 260 -1.15 -4.42 15.83
CA ILE A 260 -0.27 -5.23 16.67
C ILE A 260 1.07 -5.56 16.00
N PHE A 261 1.06 -5.69 14.67
CA PHE A 261 2.30 -5.90 13.92
C PHE A 261 2.47 -4.83 12.84
N PRO A 262 3.04 -3.69 13.21
CA PRO A 262 3.16 -2.58 12.26
C PRO A 262 4.47 -2.64 11.46
N GLY A 263 4.52 -3.50 10.44
CA GLY A 263 5.75 -3.74 9.70
C GLY A 263 6.21 -2.65 8.74
N ASP A 264 7.51 -2.37 8.75
CA ASP A 264 8.14 -1.43 7.80
C ASP A 264 7.95 -1.88 6.36
N SER A 265 7.92 -3.19 6.16
CA SER A 265 7.82 -3.75 4.82
C SER A 265 7.29 -5.17 4.89
N GLY A 266 7.11 -5.80 3.73
CA GLY A 266 6.63 -7.17 3.67
C GLY A 266 7.48 -8.12 4.50
N VAL A 267 8.78 -7.85 4.54
CA VAL A 267 9.71 -8.73 5.25
C VAL A 267 9.84 -8.30 6.71
N ASP A 268 9.86 -6.99 6.94
CA ASP A 268 9.90 -6.48 8.29
C ASP A 268 8.62 -6.86 9.01
N GLN A 269 7.56 -7.08 8.22
CA GLN A 269 6.29 -7.52 8.78
C GLN A 269 6.53 -8.78 9.62
N LEU A 270 7.43 -9.64 9.15
CA LEU A 270 7.73 -10.87 9.85
C LEU A 270 8.51 -10.60 11.13
N VAL A 271 9.38 -9.60 11.10
CA VAL A 271 10.11 -9.22 12.29
C VAL A 271 9.16 -8.71 13.37
N GLU A 272 8.21 -7.87 12.97
CA GLU A 272 7.22 -7.35 13.90
C GLU A 272 6.44 -8.49 14.54
N ILE A 273 6.07 -9.47 13.73
CA ILE A 273 5.38 -10.65 14.22
C ILE A 273 6.26 -11.41 15.22
N ILE A 274 7.49 -11.70 14.82
CA ILE A 274 8.41 -12.46 15.65
C ILE A 274 8.62 -11.83 17.02
N LYS A 275 8.53 -10.51 17.08
CA LYS A 275 8.78 -9.78 18.33
C LYS A 275 7.69 -9.99 19.37
N VAL A 276 6.66 -10.74 19.01
CA VAL A 276 5.57 -11.04 19.94
C VAL A 276 5.42 -12.54 20.14
N LEU A 277 5.32 -13.26 19.04
CA LEU A 277 5.12 -14.71 19.09
C LEU A 277 6.44 -15.42 19.27
N GLY A 278 7.53 -14.68 19.13
CA GLY A 278 8.87 -15.26 19.18
C GLY A 278 9.19 -16.04 17.93
N THR A 279 10.48 -16.25 17.69
CA THR A 279 10.94 -16.99 16.52
C THR A 279 10.16 -18.28 16.34
N PRO A 280 9.71 -18.56 15.11
CA PRO A 280 8.98 -19.80 14.82
C PRO A 280 9.91 -21.00 14.82
N THR A 281 9.44 -22.12 15.36
CA THR A 281 10.23 -23.35 15.39
C THR A 281 10.38 -23.92 14.00
N ARG A 282 11.33 -24.83 13.83
CA ARG A 282 11.61 -25.43 12.53
C ARG A 282 10.41 -26.20 12.01
N GLU A 283 9.62 -26.75 12.94
CA GLU A 283 8.41 -27.47 12.56
C GLU A 283 7.31 -26.50 12.14
N GLN A 284 7.19 -25.39 12.87
CA GLN A 284 6.22 -24.35 12.51
C GLN A 284 6.53 -23.77 11.14
N ILE A 285 7.82 -23.52 10.88
CA ILE A 285 8.24 -23.05 9.57
C ILE A 285 7.89 -24.05 8.47
N ARG A 286 8.08 -25.33 8.76
CA ARG A 286 7.75 -26.39 7.81
C ARG A 286 6.25 -26.37 7.50
N GLU A 287 5.46 -26.10 8.53
CA GLU A 287 4.00 -26.08 8.40
C GLU A 287 3.51 -24.97 7.47
N MET A 288 4.25 -23.87 7.42
CA MET A 288 3.82 -22.71 6.64
C MET A 288 4.07 -22.86 5.14
N ASN A 289 4.65 -24.00 4.74
CA ASN A 289 4.90 -24.30 3.33
C ASN A 289 5.71 -23.22 2.62
N PRO A 290 6.94 -22.99 3.07
CA PRO A 290 7.76 -21.87 2.61
C PRO A 290 8.38 -22.11 1.23
N ASN A 291 8.45 -21.05 0.42
CA ASN A 291 9.21 -21.06 -0.82
C ASN A 291 10.64 -20.63 -0.54
N TYR A 292 10.83 -19.97 0.60
CA TYR A 292 12.15 -19.53 1.04
C TYR A 292 12.16 -19.27 2.53
N THR A 293 13.21 -19.74 3.20
CA THR A 293 13.34 -19.57 4.65
C THR A 293 14.68 -18.93 4.99
N GLU A 294 15.44 -18.59 3.96
CA GLU A 294 16.76 -18.01 4.13
C GLU A 294 16.69 -16.58 4.68
N PHE A 295 15.93 -16.40 5.76
CA PHE A 295 15.75 -15.09 6.35
C PHE A 295 16.88 -14.69 7.30
N LYS A 296 17.42 -15.66 8.03
CA LYS A 296 18.52 -15.40 8.94
C LYS A 296 18.07 -14.58 10.14
N PHE A 297 16.84 -14.81 10.58
CA PHE A 297 16.29 -14.07 11.72
C PHE A 297 16.99 -14.40 13.04
N PRO A 298 17.23 -13.37 13.87
CA PRO A 298 17.84 -13.56 15.18
C PRO A 298 16.92 -14.31 16.13
N GLN A 299 17.51 -15.01 17.10
CA GLN A 299 16.73 -15.81 18.03
C GLN A 299 16.03 -14.94 19.07
N ILE A 300 14.69 -14.99 19.07
CA ILE A 300 13.89 -14.20 20.01
C ILE A 300 12.85 -15.07 20.71
N LYS A 301 12.69 -14.89 22.01
CA LYS A 301 11.73 -15.66 22.77
C LYS A 301 10.34 -15.00 22.80
N ALA A 302 9.30 -15.83 22.89
CA ALA A 302 7.93 -15.33 22.84
C ALA A 302 7.61 -14.38 23.98
N HIS A 303 6.74 -13.42 23.70
CA HIS A 303 6.25 -12.49 24.70
C HIS A 303 4.84 -12.93 25.09
N PRO A 304 4.66 -13.35 26.35
CA PRO A 304 3.38 -13.91 26.79
C PRO A 304 2.22 -12.97 26.47
N TRP A 305 1.10 -13.55 26.02
CA TRP A 305 -0.06 -12.77 25.62
C TRP A 305 -0.58 -11.84 26.71
N THR A 306 -0.78 -12.38 27.91
CA THR A 306 -1.28 -11.57 29.02
C THR A 306 -0.49 -10.28 29.17
N LYS A 307 0.76 -10.30 28.73
CA LYS A 307 1.63 -9.13 28.84
C LYS A 307 1.48 -8.18 27.64
N VAL A 308 0.93 -8.69 26.55
CA VAL A 308 0.82 -7.89 25.33
C VAL A 308 -0.25 -6.81 25.45
N PHE A 309 -1.33 -7.12 26.15
CA PHE A 309 -2.47 -6.21 26.23
C PHE A 309 -2.55 -5.46 27.56
N ARG A 310 -3.33 -4.39 27.57
CA ARG A 310 -3.66 -3.68 28.81
C ARG A 310 -4.13 -4.69 29.85
N PRO A 311 -3.81 -4.44 31.12
CA PRO A 311 -4.22 -5.35 32.20
C PRO A 311 -5.74 -5.44 32.31
N ARG A 312 -6.43 -4.43 31.81
CA ARG A 312 -7.90 -4.42 31.86
C ARG A 312 -8.51 -5.46 30.92
N THR A 313 -7.68 -6.06 30.07
CA THR A 313 -8.17 -6.94 29.01
C THR A 313 -8.70 -8.28 29.53
N PRO A 314 -9.95 -8.62 29.16
CA PRO A 314 -10.58 -9.89 29.50
C PRO A 314 -9.83 -11.11 28.94
N PRO A 315 -9.62 -12.12 29.79
CA PRO A 315 -8.93 -13.36 29.42
C PRO A 315 -9.51 -14.02 28.17
N GLU A 316 -10.82 -14.03 28.05
CA GLU A 316 -11.48 -14.63 26.89
C GLU A 316 -10.98 -14.00 25.60
N ALA A 317 -10.77 -12.70 25.62
CA ALA A 317 -10.30 -11.98 24.45
C ALA A 317 -8.86 -12.38 24.15
N ILE A 318 -8.03 -12.43 25.19
CA ILE A 318 -6.65 -12.87 25.04
C ILE A 318 -6.61 -14.31 24.57
N ALA A 319 -7.39 -15.17 25.21
CA ALA A 319 -7.42 -16.59 24.88
C ALA A 319 -7.81 -16.80 23.41
N LEU A 320 -8.86 -16.11 22.98
CA LEU A 320 -9.31 -16.19 21.58
C LEU A 320 -8.21 -15.73 20.63
N CYS A 321 -7.59 -14.59 20.96
CA CYS A 321 -6.52 -14.04 20.14
C CYS A 321 -5.38 -15.04 19.91
N SER A 322 -4.96 -15.69 20.99
CA SER A 322 -3.80 -16.59 20.93
C SER A 322 -4.04 -17.81 20.04
N ARG A 323 -5.30 -18.14 19.79
CA ARG A 323 -5.63 -19.26 18.91
C ARG A 323 -6.02 -18.77 17.52
N LEU A 324 -5.87 -17.47 17.29
CA LEU A 324 -6.02 -16.89 15.97
C LEU A 324 -4.64 -16.68 15.35
N LEU A 325 -3.78 -16.04 16.12
CA LEU A 325 -2.43 -15.70 15.68
C LEU A 325 -1.44 -16.79 16.01
N GLU A 326 -1.56 -17.91 15.31
CA GLU A 326 -0.63 -19.01 15.47
C GLU A 326 0.16 -19.20 14.17
N TYR A 327 1.46 -19.46 14.29
CA TYR A 327 2.28 -19.71 13.12
C TYR A 327 1.71 -20.85 12.29
N THR A 328 1.49 -21.98 12.95
CA THR A 328 0.92 -23.16 12.28
C THR A 328 -0.50 -22.87 11.83
N PRO A 329 -0.70 -22.78 10.51
CA PRO A 329 -1.99 -22.41 9.92
C PRO A 329 -3.14 -23.31 10.37
N THR A 330 -2.86 -24.60 10.49
CA THR A 330 -3.92 -25.56 10.83
C THR A 330 -4.27 -25.49 12.30
N ALA A 331 -3.40 -24.89 13.10
CA ALA A 331 -3.64 -24.74 14.54
C ALA A 331 -4.66 -23.65 14.86
N ARG A 332 -4.89 -22.76 13.90
CA ARG A 332 -5.83 -21.65 14.10
C ARG A 332 -7.27 -22.12 14.13
N LEU A 333 -8.11 -21.46 14.92
CA LEU A 333 -9.54 -21.76 14.93
C LEU A 333 -10.12 -21.52 13.53
N THR A 334 -11.22 -22.19 13.23
CA THR A 334 -12.01 -21.86 12.06
C THR A 334 -12.95 -20.74 12.45
N PRO A 335 -13.50 -20.02 11.46
CA PRO A 335 -14.42 -18.94 11.79
C PRO A 335 -15.59 -19.44 12.63
N LEU A 336 -16.11 -20.62 12.30
CA LEU A 336 -17.25 -21.18 13.01
C LEU A 336 -16.90 -21.44 14.47
N GLU A 337 -15.74 -22.05 14.70
CA GLU A 337 -15.26 -22.28 16.07
C GLU A 337 -15.07 -20.95 16.78
N ALA A 338 -14.48 -19.99 16.07
CA ALA A 338 -14.27 -18.67 16.64
C ALA A 338 -15.59 -18.07 17.13
N CYS A 339 -16.63 -18.21 16.29
CA CYS A 339 -17.97 -17.76 16.65
C CYS A 339 -18.47 -18.46 17.91
N ALA A 340 -18.03 -19.69 18.11
CA ALA A 340 -18.45 -20.49 19.25
C ALA A 340 -17.68 -20.14 20.51
N HIS A 341 -16.61 -19.37 20.35
CA HIS A 341 -15.73 -19.04 21.47
C HIS A 341 -16.47 -18.35 22.61
N SER A 342 -15.92 -18.49 23.82
CA SER A 342 -16.52 -17.95 25.04
C SER A 342 -16.53 -16.44 25.08
N PHE A 343 -15.58 -15.81 24.39
CA PHE A 343 -15.50 -14.36 24.31
C PHE A 343 -16.86 -13.78 23.90
N PHE A 344 -17.58 -14.52 23.05
CA PHE A 344 -18.83 -14.02 22.51
C PHE A 344 -20.06 -14.48 23.31
N ASP A 345 -19.84 -15.12 24.45
CA ASP A 345 -20.94 -15.64 25.26
C ASP A 345 -21.99 -14.57 25.58
N GLU A 346 -21.52 -13.39 25.97
CA GLU A 346 -22.40 -12.27 26.30
C GLU A 346 -23.43 -12.04 25.20
N LEU A 347 -23.03 -12.25 23.96
CA LEU A 347 -23.90 -12.03 22.81
C LEU A 347 -25.04 -13.06 22.76
N ARG A 348 -24.82 -14.22 23.37
CA ARG A 348 -25.81 -15.28 23.38
C ARG A 348 -26.75 -15.18 24.58
N ASP A 349 -26.50 -14.18 25.43
CA ASP A 349 -27.36 -13.92 26.57
C ASP A 349 -28.68 -13.30 26.12
N PRO A 350 -29.81 -13.88 26.55
CA PRO A 350 -31.14 -13.44 26.13
C PRO A 350 -31.39 -11.98 26.47
N ASN A 351 -30.67 -11.45 27.45
CA ASN A 351 -30.88 -10.09 27.93
C ASN A 351 -29.96 -9.07 27.29
N VAL A 352 -29.03 -9.53 26.46
CA VAL A 352 -28.05 -8.63 25.86
C VAL A 352 -28.74 -7.52 25.06
N LYS A 353 -28.22 -6.30 25.18
CA LYS A 353 -28.77 -5.14 24.49
C LYS A 353 -27.65 -4.22 24.00
N LEU A 354 -27.88 -3.54 22.88
CA LEU A 354 -26.93 -2.54 22.40
C LEU A 354 -26.87 -1.37 23.38
N PRO A 355 -25.71 -0.70 23.47
CA PRO A 355 -25.55 0.42 24.38
C PRO A 355 -26.55 1.53 24.14
N ASN A 356 -27.05 1.64 22.91
CA ASN A 356 -28.06 2.66 22.61
C ASN A 356 -29.46 2.19 22.95
N GLY A 357 -29.57 1.04 23.61
CA GLY A 357 -30.84 0.53 24.08
C GLY A 357 -31.53 -0.44 23.13
N ARG A 358 -31.22 -0.34 21.84
CA ARG A 358 -31.84 -1.20 20.85
C ARG A 358 -31.42 -2.67 20.99
N ASP A 359 -32.16 -3.56 20.36
CA ASP A 359 -31.81 -4.97 20.32
C ASP A 359 -30.60 -5.19 19.41
N THR A 360 -29.85 -6.24 19.66
CA THR A 360 -28.73 -6.59 18.80
C THR A 360 -29.24 -7.09 17.45
N PRO A 361 -28.42 -6.93 16.40
CA PRO A 361 -28.76 -7.50 15.11
C PRO A 361 -28.90 -9.02 15.22
N ALA A 362 -29.44 -9.66 14.19
CA ALA A 362 -29.68 -11.10 14.23
C ALA A 362 -28.38 -11.86 14.10
N LEU A 363 -28.04 -12.63 15.13
CA LEU A 363 -26.73 -13.25 15.20
C LEU A 363 -26.77 -14.78 15.18
N PHE A 364 -27.97 -15.33 15.27
CA PHE A 364 -28.14 -16.77 15.46
C PHE A 364 -28.87 -17.45 14.31
N ASN A 365 -29.39 -16.66 13.39
CA ASN A 365 -30.13 -17.20 12.25
C ASN A 365 -29.23 -17.92 11.25
N PHE A 366 -28.48 -18.91 11.73
CA PHE A 366 -27.55 -19.67 10.89
C PHE A 366 -28.28 -20.52 9.84
N THR A 367 -27.59 -20.79 8.74
CA THR A 367 -28.09 -21.70 7.71
C THR A 367 -27.25 -22.97 7.69
N THR A 368 -27.79 -24.03 7.10
CA THR A 368 -27.08 -25.29 6.99
C THR A 368 -25.75 -25.07 6.26
N GLN A 369 -25.77 -24.18 5.28
CA GLN A 369 -24.56 -23.81 4.57
C GLN A 369 -23.51 -23.31 5.55
N GLU A 370 -23.93 -22.41 6.44
CA GLU A 370 -23.02 -21.80 7.41
C GLU A 370 -22.45 -22.82 8.39
N LEU A 371 -23.26 -23.78 8.79
CA LEU A 371 -22.86 -24.75 9.81
C LEU A 371 -22.17 -25.98 9.22
N SER A 372 -22.08 -26.01 7.89
CA SER A 372 -21.58 -27.21 7.21
C SER A 372 -20.28 -27.74 7.78
N SER A 373 -19.35 -26.84 8.08
CA SER A 373 -18.01 -27.24 8.53
C SER A 373 -18.02 -27.95 9.88
N ASN A 374 -19.10 -27.79 10.64
CA ASN A 374 -19.22 -28.40 11.96
C ASN A 374 -20.59 -28.19 12.61
N PRO A 375 -21.62 -28.89 12.09
CA PRO A 375 -23.01 -28.73 12.51
C PRO A 375 -23.22 -28.84 14.02
N PRO A 376 -22.57 -29.81 14.67
CA PRO A 376 -22.69 -29.99 16.12
C PRO A 376 -22.52 -28.68 16.89
N LEU A 377 -21.84 -27.71 16.30
CA LEU A 377 -21.61 -26.43 16.97
C LEU A 377 -22.90 -25.62 17.15
N ALA A 378 -23.94 -26.01 16.44
CA ALA A 378 -25.24 -25.36 16.56
C ALA A 378 -25.69 -25.33 18.01
N THR A 379 -25.40 -26.41 18.73
CA THR A 379 -25.74 -26.50 20.14
C THR A 379 -25.28 -25.25 20.89
N ILE A 380 -24.08 -24.77 20.54
CA ILE A 380 -23.50 -23.61 21.18
C ILE A 380 -23.90 -22.31 20.48
N LEU A 381 -23.84 -22.32 19.15
CA LEU A 381 -24.07 -21.12 18.35
C LEU A 381 -25.51 -20.64 18.41
N ILE A 382 -26.45 -21.58 18.36
CA ILE A 382 -27.87 -21.25 18.47
C ILE A 382 -28.37 -21.59 19.87
N PRO A 383 -28.54 -20.56 20.71
CA PRO A 383 -28.94 -20.71 22.11
C PRO A 383 -30.42 -21.04 22.25
N PRO A 384 -30.82 -21.58 23.41
CA PRO A 384 -32.21 -21.98 23.66
C PRO A 384 -33.21 -20.90 23.27
N HIS A 385 -33.11 -19.74 23.90
CA HIS A 385 -34.03 -18.63 23.67
C HIS A 385 -34.15 -18.24 22.19
N ALA A 386 -33.15 -18.60 21.40
CA ALA A 386 -33.13 -18.20 19.99
C ALA A 386 -33.93 -19.16 19.10
N ARG A 387 -34.10 -20.38 19.56
CA ARG A 387 -34.82 -21.40 18.81
C ARG A 387 -36.32 -21.16 18.84
N LYS B 40 27.87 -22.07 1.26
CA LYS B 40 27.12 -22.10 -0.04
C LYS B 40 27.61 -21.00 -0.98
N VAL B 41 28.13 -21.42 -2.13
CA VAL B 41 28.59 -20.48 -3.15
C VAL B 41 27.81 -20.67 -4.44
N THR B 42 27.22 -19.59 -4.95
CA THR B 42 26.39 -19.68 -6.15
C THR B 42 27.07 -19.01 -7.33
N THR B 43 27.05 -19.70 -8.47
CA THR B 43 27.69 -19.21 -9.69
C THR B 43 26.66 -19.07 -10.81
N VAL B 44 26.56 -17.87 -11.38
CA VAL B 44 25.64 -17.62 -12.47
C VAL B 44 26.36 -16.95 -13.64
N VAL B 45 25.74 -17.02 -14.81
CA VAL B 45 26.24 -16.29 -15.97
C VAL B 45 25.44 -15.00 -16.13
N ALA B 46 26.07 -13.89 -15.77
CA ALA B 46 25.37 -12.61 -15.72
C ALA B 46 25.93 -11.62 -16.73
N THR B 47 25.08 -10.68 -17.16
CA THR B 47 25.51 -9.63 -18.08
C THR B 47 25.64 -8.31 -17.33
N PRO B 48 26.79 -7.63 -17.50
CA PRO B 48 26.99 -6.33 -16.86
C PRO B 48 25.85 -5.37 -17.14
N GLY B 49 25.50 -4.55 -16.15
CA GLY B 49 24.40 -3.61 -16.28
C GLY B 49 24.59 -2.58 -17.38
N GLN B 50 25.79 -1.99 -17.43
CA GLN B 50 26.08 -0.96 -18.41
C GLN B 50 26.73 -1.52 -19.68
N GLY B 51 26.61 -2.83 -19.88
CA GLY B 51 27.25 -3.48 -21.02
C GLY B 51 28.76 -3.38 -20.94
N PRO B 52 29.47 -3.77 -22.02
CA PRO B 52 28.87 -4.28 -23.24
C PRO B 52 28.12 -5.58 -23.01
N ASP B 53 27.15 -5.87 -23.88
CA ASP B 53 26.29 -7.04 -23.71
C ASP B 53 27.03 -8.36 -23.88
N ARG B 54 27.98 -8.65 -22.98
CA ARG B 54 28.71 -9.91 -23.03
C ARG B 54 28.77 -10.60 -21.67
N PRO B 55 28.05 -11.73 -21.54
CA PRO B 55 27.91 -12.46 -20.29
C PRO B 55 29.24 -12.97 -19.73
N GLN B 56 29.39 -12.88 -18.41
CA GLN B 56 30.56 -13.41 -17.73
C GLN B 56 30.06 -14.18 -16.52
N GLU B 57 30.90 -15.08 -15.99
CA GLU B 57 30.52 -15.85 -14.81
C GLU B 57 30.65 -14.99 -13.56
N VAL B 58 29.65 -15.05 -12.69
CA VAL B 58 29.69 -14.32 -11.43
C VAL B 58 29.34 -15.24 -10.28
N SER B 59 30.16 -15.20 -9.22
CA SER B 59 29.91 -16.01 -8.04
C SER B 59 29.58 -15.16 -6.81
N TYR B 60 28.59 -15.60 -6.04
CA TYR B 60 28.21 -14.90 -4.81
C TYR B 60 27.83 -15.87 -3.69
N THR B 61 27.83 -15.36 -2.46
CA THR B 61 27.52 -16.18 -1.30
C THR B 61 26.87 -15.32 -0.20
N ASP B 62 26.50 -15.97 0.91
CA ASP B 62 25.90 -15.28 2.05
C ASP B 62 24.55 -14.69 1.69
N THR B 63 23.71 -15.51 1.06
CA THR B 63 22.42 -15.06 0.55
C THR B 63 21.34 -15.10 1.64
N LYS B 64 20.62 -13.99 1.78
CA LYS B 64 19.49 -13.94 2.69
C LYS B 64 18.42 -12.96 2.25
N VAL B 65 17.16 -13.35 2.40
CA VAL B 65 16.03 -12.50 2.05
C VAL B 65 16.04 -11.25 2.91
N ILE B 66 15.70 -10.12 2.29
CA ILE B 66 15.69 -8.83 2.97
C ILE B 66 14.59 -7.95 2.42
N GLY B 67 13.81 -8.48 1.49
CA GLY B 67 12.83 -7.68 0.78
C GLY B 67 11.76 -8.52 0.12
N ASN B 68 10.71 -7.85 -0.35
CA ASN B 68 9.50 -8.52 -0.79
C ASN B 68 8.68 -7.56 -1.62
N GLY B 69 7.72 -8.08 -2.38
CA GLY B 69 6.85 -7.24 -3.18
C GLY B 69 6.05 -8.05 -4.17
N SER B 70 5.16 -7.39 -4.89
CA SER B 70 4.33 -8.04 -5.88
C SER B 70 5.19 -8.63 -7.00
N PHE B 71 6.39 -8.07 -7.15
CA PHE B 71 7.29 -8.47 -8.22
C PHE B 71 8.03 -9.76 -7.91
N GLY B 72 8.23 -10.03 -6.62
CA GLY B 72 8.97 -11.22 -6.19
C GLY B 72 9.70 -11.01 -4.88
N VAL B 73 11.02 -11.10 -4.91
CA VAL B 73 11.82 -11.14 -3.68
C VAL B 73 13.18 -10.45 -3.85
N VAL B 74 13.66 -9.82 -2.78
CA VAL B 74 14.98 -9.18 -2.81
C VAL B 74 15.92 -9.88 -1.83
N TYR B 75 17.07 -10.32 -2.34
CA TYR B 75 18.07 -10.96 -1.49
C TYR B 75 19.25 -10.06 -1.25
N GLN B 76 19.99 -10.34 -0.17
CA GLN B 76 21.30 -9.74 0.01
C GLN B 76 22.32 -10.82 -0.31
N ALA B 77 23.46 -10.43 -0.85
CA ALA B 77 24.52 -11.37 -1.13
C ALA B 77 25.87 -10.67 -1.18
N LYS B 78 26.94 -11.47 -1.10
CA LYS B 78 28.30 -10.95 -1.18
C LYS B 78 29.01 -11.51 -2.41
N LEU B 79 29.65 -10.65 -3.19
CA LEU B 79 30.37 -11.07 -4.38
C LEU B 79 31.67 -11.77 -4.01
N CYS B 80 31.85 -13.00 -4.50
CA CYS B 80 32.99 -13.83 -4.12
C CYS B 80 34.36 -13.24 -4.46
N ASP B 81 34.40 -12.23 -5.31
CA ASP B 81 35.67 -11.65 -5.74
C ASP B 81 36.04 -10.39 -4.96
N SER B 82 35.17 -9.39 -5.00
CA SER B 82 35.44 -8.11 -4.35
C SER B 82 34.97 -8.10 -2.90
N GLY B 83 34.30 -9.17 -2.48
CA GLY B 83 33.75 -9.24 -1.13
C GLY B 83 32.66 -8.21 -0.91
N GLU B 84 32.35 -7.44 -1.95
CA GLU B 84 31.31 -6.42 -1.88
C GLU B 84 29.91 -7.00 -1.67
N LEU B 85 29.08 -6.24 -0.97
CA LEU B 85 27.68 -6.62 -0.75
C LEU B 85 26.78 -6.09 -1.85
N VAL B 86 25.81 -6.90 -2.25
CA VAL B 86 24.88 -6.47 -3.29
C VAL B 86 23.45 -6.89 -2.97
N ALA B 87 22.49 -6.18 -3.56
CA ALA B 87 21.10 -6.59 -3.52
C ALA B 87 20.76 -7.31 -4.81
N ILE B 88 19.98 -8.37 -4.72
CA ILE B 88 19.50 -9.06 -5.90
C ILE B 88 17.98 -9.04 -5.90
N LYS B 89 17.42 -8.23 -6.79
CA LYS B 89 15.98 -8.19 -6.99
C LYS B 89 15.58 -9.30 -7.95
N LYS B 90 14.76 -10.22 -7.47
CA LYS B 90 14.32 -11.36 -8.26
C LYS B 90 12.87 -11.20 -8.71
N VAL B 91 12.68 -11.13 -10.01
CA VAL B 91 11.37 -10.82 -10.58
C VAL B 91 10.91 -11.88 -11.57
N LEU B 92 9.73 -12.45 -11.32
CA LEU B 92 9.10 -13.35 -12.26
C LEU B 92 8.91 -12.64 -13.60
N GLN B 93 9.50 -13.18 -14.66
CA GLN B 93 9.46 -12.52 -15.96
C GLN B 93 8.77 -13.38 -17.03
N ASP B 94 7.90 -12.73 -17.80
CA ASP B 94 7.23 -13.39 -18.92
C ASP B 94 8.17 -13.46 -20.13
N LYS B 95 8.50 -14.68 -20.54
CA LYS B 95 9.44 -14.89 -21.65
C LYS B 95 9.01 -14.13 -22.90
N ARG B 96 7.75 -13.74 -22.97
CA ARG B 96 7.20 -13.10 -24.17
C ARG B 96 7.43 -11.59 -24.19
N PHE B 97 7.50 -10.97 -23.01
CA PHE B 97 7.62 -9.51 -22.92
C PHE B 97 8.95 -9.06 -22.33
N LYS B 98 9.44 -7.91 -22.80
CA LYS B 98 10.66 -7.30 -22.28
C LYS B 98 10.38 -6.63 -20.93
N ASN B 99 11.38 -6.59 -20.07
CA ASN B 99 11.24 -5.96 -18.76
C ASN B 99 11.51 -4.47 -18.80
N ARG B 100 10.48 -3.68 -18.51
CA ARG B 100 10.59 -2.24 -18.50
C ARG B 100 11.70 -1.76 -17.56
N GLU B 101 11.73 -2.31 -16.34
CA GLU B 101 12.72 -1.89 -15.36
C GLU B 101 14.14 -2.12 -15.84
N LEU B 102 14.40 -3.32 -16.33
CA LEU B 102 15.73 -3.67 -16.84
C LEU B 102 16.13 -2.74 -17.98
N GLN B 103 15.19 -2.55 -18.90
CA GLN B 103 15.40 -1.69 -20.06
C GLN B 103 15.79 -0.28 -19.62
N ILE B 104 15.10 0.23 -18.60
CA ILE B 104 15.43 1.55 -18.07
C ILE B 104 16.73 1.57 -17.28
N MET B 105 16.98 0.52 -16.51
CA MET B 105 18.19 0.48 -15.67
C MET B 105 19.48 0.43 -16.49
N ARG B 106 19.43 -0.23 -17.64
CA ARG B 106 20.64 -0.38 -18.45
C ARG B 106 21.12 0.96 -19.01
N LYS B 107 20.21 1.91 -19.19
CA LYS B 107 20.57 3.22 -19.71
C LYS B 107 21.21 4.14 -18.67
N LEU B 108 20.98 3.84 -17.40
CA LEU B 108 21.33 4.78 -16.33
C LEU B 108 22.73 4.60 -15.75
N ASP B 109 23.43 5.72 -15.58
CA ASP B 109 24.74 5.73 -14.97
C ASP B 109 24.93 7.05 -14.23
N HIS B 110 24.66 7.04 -12.93
CA HIS B 110 24.69 8.27 -12.15
C HIS B 110 25.06 7.97 -10.71
N CYS B 111 25.86 8.86 -10.11
CA CYS B 111 26.34 8.67 -8.75
C CYS B 111 25.19 8.69 -7.73
N ASN B 112 24.08 9.29 -8.11
CA ASN B 112 22.92 9.39 -7.21
C ASN B 112 21.81 8.42 -7.57
N ILE B 113 22.20 7.30 -8.19
CA ILE B 113 21.24 6.27 -8.56
C ILE B 113 21.83 4.88 -8.32
N VAL B 114 21.09 4.05 -7.60
CA VAL B 114 21.53 2.69 -7.39
C VAL B 114 21.88 2.11 -8.75
N ARG B 115 23.09 1.58 -8.86
CA ARG B 115 23.59 1.11 -10.15
C ARG B 115 23.31 -0.37 -10.39
N LEU B 116 22.89 -0.68 -11.61
CA LEU B 116 22.69 -2.07 -12.01
C LEU B 116 24.03 -2.68 -12.39
N ARG B 117 24.55 -3.51 -11.51
CA ARG B 117 25.86 -4.13 -11.72
C ARG B 117 25.77 -5.29 -12.71
N TYR B 118 24.76 -6.13 -12.54
CA TYR B 118 24.59 -7.31 -13.37
C TYR B 118 23.13 -7.68 -13.46
N PHE B 119 22.80 -8.51 -14.44
CA PHE B 119 21.49 -9.15 -14.49
C PHE B 119 21.61 -10.54 -15.11
N PHE B 120 20.85 -11.48 -14.58
CA PHE B 120 20.88 -12.84 -15.08
C PHE B 120 19.51 -13.48 -14.92
N TYR B 121 19.34 -14.65 -15.54
CA TYR B 121 18.06 -15.34 -15.48
C TYR B 121 18.18 -16.65 -14.72
N SER B 122 17.08 -17.08 -14.12
CA SER B 122 17.08 -18.30 -13.31
C SER B 122 15.74 -19.01 -13.38
N SER B 123 15.67 -20.19 -12.79
CA SER B 123 14.43 -20.93 -12.69
C SER B 123 13.93 -20.90 -11.25
N GLY B 124 12.77 -20.29 -11.04
CA GLY B 124 12.22 -20.10 -9.70
C GLY B 124 11.40 -21.26 -9.18
N GLU B 125 10.16 -21.37 -9.65
CA GLU B 125 9.25 -22.41 -9.19
C GLU B 125 8.91 -23.41 -10.29
N LYS B 126 7.94 -23.05 -11.12
CA LYS B 126 7.47 -23.92 -12.20
C LYS B 126 8.58 -24.16 -13.24
N LYS B 127 8.38 -25.19 -14.07
CA LYS B 127 9.36 -25.53 -15.09
C LYS B 127 9.30 -24.61 -16.29
N ASP B 128 8.19 -23.89 -16.42
CA ASP B 128 8.01 -22.96 -17.54
C ASP B 128 8.16 -21.51 -17.10
N GLU B 129 8.56 -21.31 -15.84
CA GLU B 129 8.73 -19.97 -15.29
C GLU B 129 10.17 -19.50 -15.33
N VAL B 130 10.39 -18.28 -15.80
CA VAL B 130 11.72 -17.70 -15.88
C VAL B 130 11.80 -16.41 -15.07
N TYR B 131 12.77 -16.33 -14.18
CA TYR B 131 12.97 -15.15 -13.35
C TYR B 131 14.11 -14.27 -13.86
N LEU B 132 13.86 -12.97 -13.89
CA LEU B 132 14.92 -12.00 -14.12
C LEU B 132 15.52 -11.62 -12.77
N ASN B 133 16.84 -11.67 -12.68
CA ASN B 133 17.53 -11.25 -11.47
C ASN B 133 18.34 -9.99 -11.70
N LEU B 134 18.11 -8.98 -10.86
CA LEU B 134 18.82 -7.73 -10.95
C LEU B 134 19.81 -7.61 -9.81
N VAL B 135 21.08 -7.39 -10.14
CA VAL B 135 22.12 -7.27 -9.14
C VAL B 135 22.47 -5.81 -8.94
N LEU B 136 22.12 -5.29 -7.78
CA LEU B 136 22.15 -3.85 -7.53
C LEU B 136 23.06 -3.49 -6.36
N ASP B 137 23.50 -2.25 -6.32
CA ASP B 137 24.25 -1.74 -5.18
C ASP B 137 23.49 -2.03 -3.89
N TYR B 138 24.22 -2.27 -2.81
CA TYR B 138 23.59 -2.51 -1.52
C TYR B 138 23.80 -1.32 -0.59
N VAL B 139 22.73 -0.59 -0.33
CA VAL B 139 22.77 0.57 0.55
C VAL B 139 21.60 0.46 1.51
N PRO B 140 21.87 0.04 2.75
CA PRO B 140 20.86 -0.43 3.71
C PRO B 140 20.05 0.69 4.39
N GLU B 141 20.68 1.83 4.60
CA GLU B 141 20.01 2.95 5.26
C GLU B 141 19.09 3.70 4.30
N THR B 142 17.98 4.21 4.81
CA THR B 142 17.03 4.96 3.99
C THR B 142 16.66 6.28 4.65
N VAL B 143 16.13 7.20 3.86
CA VAL B 143 15.65 8.46 4.40
C VAL B 143 14.46 8.19 5.32
N TYR B 144 13.68 7.17 4.99
CA TYR B 144 12.54 6.79 5.82
C TYR B 144 12.98 6.42 7.24
N ARG B 145 13.92 5.49 7.35
CA ARG B 145 14.41 5.02 8.64
C ARG B 145 15.10 6.14 9.41
N VAL B 146 15.89 6.93 8.71
CA VAL B 146 16.56 8.05 9.32
C VAL B 146 15.56 9.07 9.85
N ALA B 147 14.57 9.39 9.04
CA ALA B 147 13.58 10.41 9.41
C ALA B 147 12.72 9.92 10.57
N ARG B 148 12.48 8.62 10.62
CA ARG B 148 11.66 8.04 11.68
C ARG B 148 12.40 8.06 13.02
N HIS B 149 13.69 7.78 12.99
CA HIS B 149 14.52 7.83 14.19
C HIS B 149 14.39 9.19 14.86
N TYR B 150 14.38 10.26 14.07
CA TYR B 150 14.23 11.62 14.61
C TYR B 150 12.82 11.86 15.14
N SER B 151 11.82 11.51 14.34
CA SER B 151 10.44 11.72 14.74
C SER B 151 10.12 11.01 16.07
N ARG B 152 10.61 9.80 16.24
CA ARG B 152 10.39 9.03 17.47
C ARG B 152 11.04 9.69 18.69
N ALA B 153 12.21 10.28 18.47
CA ALA B 153 12.92 10.99 19.54
C ALA B 153 12.39 12.40 19.70
N LYS B 154 11.39 12.75 18.90
CA LYS B 154 10.81 14.09 18.93
C LYS B 154 11.86 15.15 18.58
N GLN B 155 12.87 14.73 17.82
CA GLN B 155 13.90 15.63 17.33
C GLN B 155 13.62 15.98 15.87
N THR B 156 14.22 17.07 15.40
CA THR B 156 14.09 17.47 14.01
C THR B 156 15.39 17.23 13.26
N LEU B 157 15.30 16.65 12.07
CA LEU B 157 16.48 16.40 11.26
C LEU B 157 17.19 17.71 10.94
N PRO B 158 18.48 17.81 11.28
CA PRO B 158 19.21 19.04 11.01
C PRO B 158 19.09 19.46 9.55
N VAL B 159 18.86 20.75 9.32
CA VAL B 159 18.61 21.26 7.98
C VAL B 159 19.72 20.92 6.98
N ILE B 160 20.94 20.82 7.47
CA ILE B 160 22.06 20.55 6.57
C ILE B 160 21.85 19.24 5.84
N TYR B 161 21.29 18.25 6.53
CA TYR B 161 20.98 16.95 5.91
C TYR B 161 19.82 17.06 4.93
N VAL B 162 18.83 17.88 5.29
CA VAL B 162 17.70 18.12 4.40
C VAL B 162 18.18 18.69 3.07
N LYS B 163 19.14 19.61 3.12
CA LYS B 163 19.68 20.22 1.91
C LYS B 163 20.42 19.17 1.08
N LEU B 164 21.31 18.44 1.73
CA LEU B 164 22.09 17.41 1.08
C LEU B 164 21.23 16.33 0.43
N TYR B 165 20.23 15.86 1.16
CA TYR B 165 19.39 14.78 0.66
C TYR B 165 18.50 15.24 -0.50
N MET B 166 17.81 16.36 -0.30
CA MET B 166 16.92 16.88 -1.34
C MET B 166 17.70 17.25 -2.59
N TYR B 167 18.88 17.83 -2.41
CA TYR B 167 19.70 18.24 -3.54
C TYR B 167 20.07 17.04 -4.41
N GLN B 168 20.51 15.97 -3.79
CA GLN B 168 20.92 14.78 -4.52
C GLN B 168 19.73 14.12 -5.20
N LEU B 169 18.57 14.20 -4.55
CA LEU B 169 17.35 13.65 -5.12
C LEU B 169 16.97 14.40 -6.39
N PHE B 170 17.02 15.73 -6.34
CA PHE B 170 16.65 16.53 -7.50
C PHE B 170 17.60 16.27 -8.65
N ARG B 171 18.87 16.12 -8.31
CA ARG B 171 19.87 15.83 -9.32
C ARG B 171 19.58 14.50 -10.01
N SER B 172 19.23 13.48 -9.24
CA SER B 172 18.92 12.17 -9.81
C SER B 172 17.69 12.25 -10.71
N LEU B 173 16.77 13.13 -10.34
CA LEU B 173 15.56 13.34 -11.12
C LEU B 173 15.85 14.07 -12.42
N ALA B 174 16.70 15.10 -12.34
CA ALA B 174 17.09 15.84 -13.54
C ALA B 174 17.66 14.86 -14.55
N TYR B 175 18.51 13.96 -14.06
CA TYR B 175 19.17 12.98 -14.91
C TYR B 175 18.20 12.07 -15.65
N ILE B 176 17.27 11.45 -14.92
CA ILE B 176 16.33 10.51 -15.53
C ILE B 176 15.28 11.20 -16.38
N HIS B 177 14.84 12.38 -15.95
CA HIS B 177 13.85 13.13 -16.71
CA HIS B 177 13.85 13.12 -16.72
C HIS B 177 14.43 13.52 -18.07
N SER B 178 15.74 13.71 -18.13
CA SER B 178 16.41 14.06 -19.37
C SER B 178 16.25 12.96 -20.43
N PHE B 179 16.05 11.74 -19.98
CA PHE B 179 15.78 10.61 -20.87
C PHE B 179 14.28 10.42 -21.09
N GLY B 180 13.48 11.29 -20.49
CA GLY B 180 12.02 11.14 -20.55
C GLY B 180 11.54 10.00 -19.65
N ILE B 181 12.38 9.61 -18.70
CA ILE B 181 12.01 8.57 -17.73
C ILE B 181 11.39 9.17 -16.48
N CYS B 182 10.19 8.71 -16.14
CA CYS B 182 9.53 9.14 -14.92
C CYS B 182 9.55 8.01 -13.89
N HIS B 183 9.90 8.34 -12.66
CA HIS B 183 10.13 7.32 -11.63
C HIS B 183 8.84 6.76 -11.04
N ARG B 184 7.93 7.67 -10.71
CA ARG B 184 6.57 7.29 -10.31
C ARG B 184 6.46 6.65 -8.93
N ASP B 185 7.55 6.57 -8.21
CA ASP B 185 7.51 6.04 -6.86
C ASP B 185 8.52 6.75 -5.97
N ILE B 186 8.55 8.07 -6.09
CA ILE B 186 9.39 8.88 -5.22
C ILE B 186 8.81 8.89 -3.81
N LYS B 187 9.54 8.30 -2.88
CA LYS B 187 9.15 8.28 -1.48
C LYS B 187 10.39 8.01 -0.62
N PRO B 188 10.31 8.32 0.67
CA PRO B 188 11.48 8.20 1.54
C PRO B 188 12.05 6.79 1.59
N GLN B 189 11.20 5.77 1.44
CA GLN B 189 11.68 4.39 1.50
C GLN B 189 12.60 4.06 0.32
N ASN B 190 12.56 4.89 -0.72
CA ASN B 190 13.29 4.62 -1.96
C ASN B 190 14.50 5.51 -2.13
N LEU B 191 14.87 6.21 -1.06
CA LEU B 191 16.06 7.04 -1.06
C LEU B 191 17.12 6.40 -0.16
N LEU B 192 18.07 5.71 -0.78
CA LEU B 192 19.11 4.99 -0.05
C LEU B 192 20.23 5.92 0.39
N LEU B 193 20.85 5.61 1.52
CA LEU B 193 21.83 6.50 2.12
C LEU B 193 23.06 5.79 2.64
N ASP B 194 24.23 6.34 2.34
CA ASP B 194 25.45 5.95 3.01
C ASP B 194 25.61 6.86 4.22
N PRO B 195 25.52 6.29 5.43
CA PRO B 195 25.60 7.05 6.67
C PRO B 195 26.83 7.95 6.76
N ASP B 196 27.99 7.44 6.34
CA ASP B 196 29.26 8.16 6.52
C ASP B 196 29.53 9.28 5.52
N THR B 197 29.13 9.09 4.26
CA THR B 197 29.41 10.07 3.22
C THR B 197 28.23 11.00 2.95
N ALA B 198 27.06 10.64 3.46
CA ALA B 198 25.84 11.39 3.18
C ALA B 198 25.44 11.31 1.70
N VAL B 199 25.97 10.30 1.00
CA VAL B 199 25.61 10.08 -0.39
C VAL B 199 24.23 9.44 -0.47
N LEU B 200 23.34 10.03 -1.25
CA LEU B 200 21.99 9.48 -1.44
C LEU B 200 21.86 8.85 -2.81
N LYS B 201 21.21 7.68 -2.85
CA LYS B 201 20.93 7.01 -4.11
C LYS B 201 19.45 6.69 -4.25
N LEU B 202 18.88 7.12 -5.36
CA LEU B 202 17.51 6.79 -5.72
C LEU B 202 17.44 5.33 -6.17
N CYS B 203 16.40 4.62 -5.77
CA CYS B 203 16.28 3.20 -6.12
C CYS B 203 14.85 2.77 -6.47
N ASP B 204 14.70 1.49 -6.80
CA ASP B 204 13.42 0.89 -7.15
C ASP B 204 12.76 1.53 -8.36
N PHE B 205 13.06 1.00 -9.55
CA PHE B 205 12.47 1.54 -10.76
C PHE B 205 11.38 0.63 -11.30
N GLY B 206 10.76 -0.14 -10.40
CA GLY B 206 9.69 -1.06 -10.77
C GLY B 206 8.42 -0.37 -11.25
N SER B 207 8.29 0.92 -10.94
CA SER B 207 7.12 1.69 -11.35
C SER B 207 7.49 2.69 -12.43
N ALA B 208 8.78 2.77 -12.74
CA ALA B 208 9.28 3.79 -13.63
C ALA B 208 8.85 3.54 -15.07
N LYS B 209 8.77 4.60 -15.87
CA LYS B 209 8.34 4.46 -17.25
C LYS B 209 8.79 5.63 -18.11
N GLN B 210 9.19 5.33 -19.33
CA GLN B 210 9.49 6.36 -20.32
C GLN B 210 8.18 6.91 -20.86
N LEU B 211 7.83 8.12 -20.45
CA LEU B 211 6.55 8.72 -20.85
C LEU B 211 6.57 9.16 -22.30
N VAL B 212 5.48 8.88 -23.00
CA VAL B 212 5.35 9.29 -24.39
C VAL B 212 4.05 10.08 -24.61
N ARG B 213 4.19 11.33 -25.00
CA ARG B 213 3.03 12.17 -25.27
C ARG B 213 2.04 11.43 -26.17
N GLY B 214 0.76 11.53 -25.86
CA GLY B 214 -0.27 10.87 -26.64
C GLY B 214 -0.59 9.48 -26.13
N GLU B 215 0.42 8.81 -25.58
CA GLU B 215 0.23 7.47 -25.03
C GLU B 215 -0.08 7.55 -23.54
N PRO B 216 -1.23 7.00 -23.14
CA PRO B 216 -1.77 7.11 -21.78
C PRO B 216 -0.97 6.33 -20.75
N ASN B 217 -1.10 6.72 -19.48
CA ASN B 217 -0.43 6.04 -18.39
C ASN B 217 -1.40 5.77 -17.26
N VAL B 218 -1.14 4.71 -16.49
CA VAL B 218 -2.01 4.40 -15.36
C VAL B 218 -1.95 5.55 -14.37
N SER B 219 -3.09 5.88 -13.77
CA SER B 219 -3.16 7.04 -12.87
C SER B 219 -3.02 6.68 -11.37
N PTR B 220 -3.49 5.50 -10.98
CA PTR B 220 -3.36 5.10 -9.57
C PTR B 220 -1.98 4.54 -9.41
O PTR B 220 -1.78 3.33 -9.43
CB PTR B 220 -4.40 4.05 -9.21
CG PTR B 220 -4.48 3.80 -7.71
CD1 PTR B 220 -3.76 2.75 -7.15
CD2 PTR B 220 -5.25 4.61 -6.90
CE1 PTR B 220 -3.82 2.51 -5.77
CE2 PTR B 220 -5.32 4.37 -5.52
CZ PTR B 220 -4.60 3.31 -4.96
OH PTR B 220 -4.66 3.08 -3.61
P PTR B 220 -3.67 3.67 -2.49
O1P PTR B 220 -2.28 3.50 -3.08
O2P PTR B 220 -4.10 5.10 -2.29
O3P PTR B 220 -3.95 2.79 -1.30
N ILE B 221 -1.02 5.45 -9.23
CA ILE B 221 0.40 5.09 -9.20
C ILE B 221 1.08 5.96 -8.14
N CYS B 222 2.32 5.66 -7.80
CA CYS B 222 3.01 6.38 -6.73
CA CYS B 222 3.03 6.36 -6.73
C CYS B 222 2.40 6.01 -5.38
N SER B 223 3.22 6.06 -4.33
CA SER B 223 2.74 5.83 -2.98
C SER B 223 1.83 6.98 -2.54
N ARG B 224 0.70 6.64 -1.94
CA ARG B 224 -0.38 7.60 -1.68
C ARG B 224 0.06 8.96 -1.12
N TYR B 225 0.80 8.96 -0.01
CA TYR B 225 1.17 10.21 0.62
C TYR B 225 1.86 11.16 -0.37
N TYR B 226 2.54 10.59 -1.36
CA TYR B 226 3.39 11.34 -2.27
C TYR B 226 2.80 11.47 -3.67
N ARG B 227 1.56 11.04 -3.82
CA ARG B 227 0.85 11.04 -5.11
C ARG B 227 0.40 12.45 -5.52
N ALA B 228 0.84 12.88 -6.69
CA ALA B 228 0.42 14.17 -7.24
C ALA B 228 -1.09 14.23 -7.37
N PRO B 229 -1.67 15.42 -7.21
CA PRO B 229 -3.12 15.58 -7.23
C PRO B 229 -3.72 15.31 -8.62
N GLU B 230 -2.96 15.52 -9.69
CA GLU B 230 -3.48 15.19 -11.01
C GLU B 230 -3.73 13.68 -11.15
N LEU B 231 -2.84 12.87 -10.56
CA LEU B 231 -3.04 11.41 -10.54
C LEU B 231 -4.33 11.05 -9.81
N ILE B 232 -4.57 11.71 -8.68
CA ILE B 232 -5.79 11.48 -7.92
C ILE B 232 -7.02 11.95 -8.70
N PHE B 233 -6.82 12.88 -9.62
CA PHE B 233 -7.91 13.36 -10.46
C PHE B 233 -8.12 12.46 -11.67
N GLY B 234 -7.41 11.33 -11.70
CA GLY B 234 -7.59 10.34 -12.74
C GLY B 234 -6.84 10.63 -14.03
N ALA B 235 -5.93 11.60 -13.99
CA ALA B 235 -5.16 11.95 -15.17
C ALA B 235 -4.39 10.77 -15.73
N THR B 236 -4.34 10.66 -17.06
CA THR B 236 -3.57 9.61 -17.73
C THR B 236 -2.55 10.22 -18.69
N ASP B 237 -2.57 11.54 -18.80
CA ASP B 237 -1.67 12.25 -19.70
C ASP B 237 -0.67 13.12 -18.92
N TYR B 238 -0.26 12.66 -17.74
CA TYR B 238 0.63 13.44 -16.89
C TYR B 238 2.09 13.43 -17.36
N THR B 239 2.91 14.27 -16.72
CA THR B 239 4.32 14.38 -17.05
C THR B 239 5.19 13.98 -15.87
N SER B 240 6.50 14.08 -16.06
CA SER B 240 7.47 13.70 -15.03
C SER B 240 7.42 14.64 -13.83
N SER B 241 6.58 15.67 -13.92
CA SER B 241 6.45 16.64 -12.84
C SER B 241 5.68 16.07 -11.65
N ILE B 242 5.17 14.85 -11.78
CA ILE B 242 4.57 14.19 -10.63
C ILE B 242 5.69 13.77 -9.67
N ASP B 243 6.85 13.44 -10.24
CA ASP B 243 8.03 13.11 -9.45
C ASP B 243 8.42 14.31 -8.61
N VAL B 244 8.13 15.50 -9.13
CA VAL B 244 8.51 16.74 -8.49
C VAL B 244 7.58 17.07 -7.33
N TRP B 245 6.29 16.78 -7.52
CA TRP B 245 5.34 16.91 -6.42
C TRP B 245 5.80 15.98 -5.31
N SER B 246 6.05 14.73 -5.67
CA SER B 246 6.53 13.75 -4.71
C SER B 246 7.72 14.27 -3.90
N ALA B 247 8.75 14.77 -4.60
CA ALA B 247 9.94 15.29 -3.94
C ALA B 247 9.62 16.40 -2.97
N GLY B 248 8.65 17.23 -3.32
CA GLY B 248 8.18 18.30 -2.43
C GLY B 248 7.47 17.77 -1.20
N CYS B 249 6.86 16.59 -1.32
CA CYS B 249 6.21 15.95 -0.19
C CYS B 249 7.25 15.38 0.77
N VAL B 250 8.38 14.95 0.22
CA VAL B 250 9.47 14.42 1.01
C VAL B 250 10.13 15.57 1.77
N LEU B 251 10.37 16.68 1.08
CA LEU B 251 10.93 17.85 1.71
C LEU B 251 10.07 18.28 2.89
N ALA B 252 8.80 18.59 2.61
CA ALA B 252 7.88 18.99 3.65
C ALA B 252 7.93 18.02 4.82
N GLU B 253 7.91 16.72 4.52
CA GLU B 253 7.93 15.69 5.56
C GLU B 253 9.18 15.75 6.43
N LEU B 254 10.33 16.08 5.82
CA LEU B 254 11.58 16.15 6.57
C LEU B 254 11.60 17.37 7.47
N LEU B 255 10.92 18.42 7.06
CA LEU B 255 10.82 19.65 7.81
C LEU B 255 9.81 19.55 8.96
N LEU B 256 8.73 18.81 8.71
CA LEU B 256 7.65 18.71 9.68
C LEU B 256 7.87 17.60 10.71
N GLY B 257 8.57 16.54 10.32
CA GLY B 257 8.73 15.39 11.19
C GLY B 257 7.62 14.37 10.99
N GLN B 258 6.78 14.60 9.98
CA GLN B 258 5.69 13.69 9.64
C GLN B 258 5.17 14.03 8.25
N PRO B 259 4.53 13.06 7.57
CA PRO B 259 3.96 13.33 6.25
C PRO B 259 3.06 14.56 6.27
N ILE B 260 3.19 15.43 5.28
CA ILE B 260 2.33 16.61 5.20
C ILE B 260 0.91 16.31 4.72
N PHE B 261 0.75 15.21 3.99
CA PHE B 261 -0.57 14.81 3.50
C PHE B 261 -0.85 13.34 3.79
N PRO B 262 -1.26 13.04 5.03
CA PRO B 262 -1.51 11.65 5.42
C PRO B 262 -2.94 11.22 5.12
N GLY B 263 -3.22 10.93 3.85
CA GLY B 263 -4.56 10.49 3.45
C GLY B 263 -4.85 9.08 3.91
N ASP B 264 -6.10 8.79 4.28
CA ASP B 264 -6.44 7.44 4.71
C ASP B 264 -7.01 6.61 3.56
N SER B 265 -7.19 7.26 2.40
CA SER B 265 -7.52 6.55 1.17
C SER B 265 -6.98 7.37 0.01
N GLY B 266 -6.99 6.80 -1.18
CA GLY B 266 -6.50 7.48 -2.37
C GLY B 266 -7.28 8.73 -2.71
N VAL B 267 -8.51 8.82 -2.20
CA VAL B 267 -9.37 9.98 -2.45
C VAL B 267 -9.28 11.00 -1.30
N ASP B 268 -9.19 10.49 -0.08
CA ASP B 268 -8.98 11.37 1.08
C ASP B 268 -7.62 12.04 0.98
N GLN B 269 -6.72 11.46 0.19
CA GLN B 269 -5.44 12.11 -0.09
C GLN B 269 -5.70 13.53 -0.59
N LEU B 270 -6.66 13.67 -1.50
CA LEU B 270 -7.00 14.98 -2.04
C LEU B 270 -7.53 15.90 -0.94
N VAL B 271 -8.38 15.36 -0.07
CA VAL B 271 -8.88 16.14 1.05
C VAL B 271 -7.73 16.71 1.86
N GLU B 272 -6.80 15.85 2.24
CA GLU B 272 -5.61 16.28 2.99
C GLU B 272 -4.86 17.41 2.29
N ILE B 273 -4.60 17.24 1.00
CA ILE B 273 -3.95 18.28 0.20
C ILE B 273 -4.73 19.59 0.23
N ILE B 274 -6.04 19.49 0.03
CA ILE B 274 -6.90 20.67 0.00
C ILE B 274 -6.92 21.41 1.33
N LYS B 275 -6.76 20.67 2.42
CA LYS B 275 -6.72 21.26 3.76
C LYS B 275 -5.53 22.19 3.97
N VAL B 276 -4.58 22.15 3.03
CA VAL B 276 -3.39 22.99 3.12
C VAL B 276 -3.33 24.01 1.99
N LEU B 277 -3.51 23.55 0.77
CA LEU B 277 -3.45 24.40 -0.38
C LEU B 277 -4.76 25.06 -0.68
N GLY B 278 -5.77 24.67 0.04
CA GLY B 278 -7.12 25.13 -0.24
C GLY B 278 -7.63 24.55 -1.55
N THR B 279 -8.91 24.78 -1.82
CA THR B 279 -9.57 24.20 -2.98
C THR B 279 -8.94 24.66 -4.29
N PRO B 280 -8.66 23.72 -5.19
CA PRO B 280 -8.11 24.05 -6.50
C PRO B 280 -9.15 24.76 -7.33
N THR B 281 -8.75 25.81 -8.04
CA THR B 281 -9.67 26.55 -8.90
C THR B 281 -10.04 25.72 -10.10
N ARG B 282 -11.08 26.15 -10.81
CA ARG B 282 -11.57 25.43 -11.98
C ARG B 282 -10.47 25.24 -13.02
N GLU B 283 -9.63 26.25 -13.18
CA GLU B 283 -8.53 26.20 -14.15
C GLU B 283 -7.47 25.19 -13.72
N GLN B 284 -7.14 25.20 -12.44
CA GLN B 284 -6.16 24.25 -11.90
C GLN B 284 -6.63 22.82 -12.15
N ILE B 285 -7.89 22.55 -11.81
CA ILE B 285 -8.49 21.25 -12.10
C ILE B 285 -8.30 20.84 -13.56
N ARG B 286 -8.69 21.70 -14.49
CA ARG B 286 -8.55 21.45 -15.92
CA ARG B 286 -8.55 21.41 -15.92
C ARG B 286 -7.10 21.13 -16.30
N GLU B 287 -6.17 21.89 -15.74
CA GLU B 287 -4.75 21.67 -16.01
C GLU B 287 -4.27 20.32 -15.48
N MET B 288 -4.85 19.88 -14.36
CA MET B 288 -4.50 18.59 -13.78
C MET B 288 -5.09 17.46 -14.62
N ASN B 289 -6.33 17.64 -15.06
CA ASN B 289 -6.98 16.67 -15.93
C ASN B 289 -7.97 17.34 -16.88
N PRO B 290 -7.58 17.48 -18.15
CA PRO B 290 -8.40 18.14 -19.17
C PRO B 290 -9.82 17.58 -19.25
N ASN B 291 -9.96 16.28 -18.97
CA ASN B 291 -11.27 15.64 -18.93
C ASN B 291 -12.01 15.99 -17.64
N TYR B 292 -13.33 15.90 -17.65
CA TYR B 292 -14.11 16.27 -16.48
C TYR B 292 -14.31 15.10 -15.52
N THR B 293 -14.18 15.38 -14.22
CA THR B 293 -14.37 14.37 -13.18
C THR B 293 -15.72 14.49 -12.51
N GLU B 294 -15.80 14.04 -11.26
CA GLU B 294 -17.05 14.10 -10.50
C GLU B 294 -16.79 14.26 -9.01
N PHE B 295 -15.74 14.98 -8.67
CA PHE B 295 -15.40 15.24 -7.27
C PHE B 295 -16.29 16.33 -6.68
N LYS B 296 -16.83 16.07 -5.50
CA LYS B 296 -17.67 17.04 -4.81
C LYS B 296 -17.02 17.55 -3.53
N PHE B 297 -16.41 18.72 -3.61
CA PHE B 297 -15.80 19.35 -2.44
C PHE B 297 -16.18 20.82 -2.35
N PRO B 298 -16.28 21.34 -1.12
CA PRO B 298 -16.60 22.74 -0.88
C PRO B 298 -15.35 23.62 -1.01
N GLN B 299 -15.54 24.90 -1.26
CA GLN B 299 -14.41 25.83 -1.34
C GLN B 299 -13.78 26.05 0.03
N ILE B 300 -12.52 25.67 0.15
CA ILE B 300 -11.76 25.88 1.38
C ILE B 300 -10.54 26.74 1.07
N LYS B 301 -10.33 27.78 1.88
CA LYS B 301 -9.24 28.72 1.66
C LYS B 301 -7.90 28.11 2.03
N ALA B 302 -6.84 28.61 1.40
CA ALA B 302 -5.51 28.05 1.61
C ALA B 302 -4.90 28.49 2.94
N HIS B 303 -4.17 27.57 3.56
CA HIS B 303 -3.42 27.86 4.76
C HIS B 303 -2.11 28.51 4.34
N PRO B 304 -1.77 29.68 4.92
CA PRO B 304 -0.50 30.30 4.53
C PRO B 304 0.68 29.39 4.85
N TRP B 305 1.60 29.28 3.90
CA TRP B 305 2.77 28.41 4.05
C TRP B 305 3.51 28.61 5.36
N THR B 306 3.97 29.83 5.60
CA THR B 306 4.71 30.15 6.80
C THR B 306 4.03 29.60 8.06
N LYS B 307 2.74 29.33 7.95
CA LYS B 307 1.98 28.81 9.09
C LYS B 307 1.97 27.28 9.12
N VAL B 308 2.23 26.66 7.99
CA VAL B 308 2.23 25.21 7.89
C VAL B 308 3.36 24.57 8.70
N PHE B 309 4.52 25.22 8.71
CA PHE B 309 5.70 24.62 9.31
C PHE B 309 6.00 25.14 10.72
N ARG B 310 7.03 24.58 11.35
CA ARG B 310 7.48 25.03 12.65
C ARG B 310 8.01 26.45 12.56
N PRO B 311 7.89 27.21 13.66
CA PRO B 311 8.34 28.61 13.70
C PRO B 311 9.81 28.78 13.30
N ARG B 312 10.63 27.77 13.59
CA ARG B 312 12.06 27.89 13.33
C ARG B 312 12.48 27.42 11.93
N THR B 313 11.51 27.26 11.03
CA THR B 313 11.79 26.75 9.69
C THR B 313 12.31 27.84 8.75
N PRO B 314 13.49 27.62 8.16
CA PRO B 314 14.09 28.57 7.22
C PRO B 314 13.16 28.92 6.07
N PRO B 315 13.03 30.21 5.78
CA PRO B 315 12.18 30.74 4.72
C PRO B 315 12.46 30.13 3.34
N GLU B 316 13.73 29.97 2.99
CA GLU B 316 14.08 29.41 1.67
C GLU B 316 13.50 28.01 1.50
N ALA B 317 13.57 27.20 2.55
CA ALA B 317 12.99 25.87 2.54
C ALA B 317 11.51 25.97 2.22
N ILE B 318 10.82 26.86 2.92
CA ILE B 318 9.40 27.10 2.71
C ILE B 318 9.12 27.61 1.29
N ALA B 319 9.97 28.52 0.83
CA ALA B 319 9.81 29.09 -0.50
C ALA B 319 9.91 27.99 -1.55
N LEU B 320 10.82 27.06 -1.31
CA LEU B 320 11.04 25.97 -2.25
C LEU B 320 9.80 25.07 -2.30
N CYS B 321 9.34 24.63 -1.14
CA CYS B 321 8.11 23.86 -1.05
C CYS B 321 7.01 24.41 -1.94
N SER B 322 6.71 25.69 -1.76
CA SER B 322 5.61 26.33 -2.47
C SER B 322 5.74 26.23 -3.99
N ARG B 323 6.97 26.07 -4.48
CA ARG B 323 7.21 25.96 -5.91
C ARG B 323 7.21 24.51 -6.38
N LEU B 324 7.20 23.59 -5.42
CA LEU B 324 7.13 22.17 -5.72
C LEU B 324 5.69 21.70 -5.61
N LEU B 325 5.05 22.04 -4.50
CA LEU B 325 3.68 21.61 -4.23
C LEU B 325 2.62 22.57 -4.78
N GLU B 326 2.56 22.66 -6.11
CA GLU B 326 1.52 23.45 -6.77
C GLU B 326 0.58 22.55 -7.54
N TYR B 327 -0.69 22.94 -7.61
CA TYR B 327 -1.69 22.17 -8.35
C TYR B 327 -1.29 22.07 -9.81
N THR B 328 -1.01 23.22 -10.42
CA THR B 328 -0.62 23.26 -11.82
C THR B 328 0.73 22.59 -12.02
N PRO B 329 0.75 21.44 -12.71
CA PRO B 329 1.96 20.67 -12.90
C PRO B 329 3.06 21.45 -13.62
N THR B 330 2.67 22.28 -14.59
CA THR B 330 3.65 23.06 -15.35
C THR B 330 4.24 24.20 -14.52
N ALA B 331 3.59 24.52 -13.41
CA ALA B 331 4.04 25.62 -12.56
C ALA B 331 5.13 25.19 -11.57
N ARG B 332 5.27 23.88 -11.39
CA ARG B 332 6.28 23.33 -10.49
C ARG B 332 7.67 23.49 -11.09
N LEU B 333 8.66 23.77 -10.24
CA LEU B 333 10.05 23.84 -10.68
C LEU B 333 10.44 22.55 -11.39
N THR B 334 11.43 22.64 -12.29
CA THR B 334 12.10 21.45 -12.79
C THR B 334 13.17 21.07 -11.78
N PRO B 335 13.59 19.80 -11.79
CA PRO B 335 14.62 19.34 -10.87
C PRO B 335 15.87 20.21 -10.91
N LEU B 336 16.32 20.62 -12.09
CA LEU B 336 17.49 21.49 -12.22
C LEU B 336 17.23 22.83 -11.51
N GLU B 337 16.12 23.45 -11.86
CA GLU B 337 15.73 24.71 -11.22
C GLU B 337 15.67 24.57 -9.71
N ALA B 338 15.20 23.41 -9.25
CA ALA B 338 15.14 23.14 -7.81
C ALA B 338 16.54 23.06 -7.22
N CYS B 339 17.45 22.43 -7.95
CA CYS B 339 18.83 22.33 -7.52
C CYS B 339 19.48 23.69 -7.38
N ALA B 340 19.06 24.62 -8.23
CA ALA B 340 19.63 25.97 -8.26
C ALA B 340 18.94 26.94 -7.30
N HIS B 341 18.06 26.43 -6.46
CA HIS B 341 17.31 27.27 -5.52
C HIS B 341 18.20 27.80 -4.40
N SER B 342 17.79 28.91 -3.81
CA SER B 342 18.54 29.52 -2.71
C SER B 342 18.74 28.56 -1.54
N PHE B 343 17.73 27.73 -1.30
CA PHE B 343 17.75 26.81 -0.17
C PHE B 343 19.03 25.98 -0.17
N PHE B 344 19.59 25.75 -1.35
CA PHE B 344 20.78 24.93 -1.47
C PHE B 344 22.10 25.72 -1.51
N ASP B 345 22.01 27.05 -1.46
CA ASP B 345 23.21 27.89 -1.53
C ASP B 345 24.35 27.38 -0.65
N GLU B 346 24.02 27.02 0.59
CA GLU B 346 25.03 26.57 1.55
C GLU B 346 25.87 25.42 1.03
N LEU B 347 25.30 24.61 0.13
CA LEU B 347 26.03 23.48 -0.45
C LEU B 347 27.06 23.97 -1.46
N ARG B 348 26.89 25.20 -1.92
CA ARG B 348 27.78 25.77 -2.92
C ARG B 348 28.90 26.59 -2.28
N ASP B 349 28.82 26.76 -0.97
CA ASP B 349 29.86 27.45 -0.21
C ASP B 349 31.11 26.58 -0.11
N PRO B 350 32.26 27.11 -0.55
CA PRO B 350 33.51 26.36 -0.59
C PRO B 350 33.88 25.80 0.78
N ASN B 351 33.38 26.43 1.83
CA ASN B 351 33.74 26.06 3.20
C ASN B 351 32.79 25.04 3.83
N VAL B 352 31.77 24.63 3.09
CA VAL B 352 30.78 23.69 3.62
C VAL B 352 31.41 22.34 3.91
N LYS B 353 31.00 21.71 5.01
CA LYS B 353 31.51 20.40 5.40
C LYS B 353 30.39 19.57 6.00
N LEU B 354 30.55 18.25 5.99
CA LEU B 354 29.60 17.37 6.67
C LEU B 354 29.75 17.52 8.18
N PRO B 355 28.66 17.31 8.93
CA PRO B 355 28.72 17.42 10.39
C PRO B 355 29.76 16.50 11.01
N ASN B 356 30.17 15.45 10.29
CA ASN B 356 31.20 14.54 10.78
C ASN B 356 32.61 15.00 10.43
N GLY B 357 32.71 16.23 9.91
CA GLY B 357 34.01 16.81 9.60
C GLY B 357 34.46 16.59 8.17
N ARG B 358 34.01 15.49 7.57
CA ARG B 358 34.40 15.15 6.20
C ARG B 358 33.85 16.15 5.18
N ASP B 359 34.38 16.10 3.97
CA ASP B 359 33.89 16.93 2.88
C ASP B 359 32.55 16.37 2.38
N THR B 360 31.75 17.23 1.77
CA THR B 360 30.50 16.80 1.16
C THR B 360 30.83 15.90 -0.03
N PRO B 361 29.86 15.06 -0.43
CA PRO B 361 30.01 14.30 -1.67
C PRO B 361 30.10 15.24 -2.88
N ALA B 362 30.46 14.70 -4.04
CA ALA B 362 30.59 15.50 -5.26
C ALA B 362 29.22 15.95 -5.75
N LEU B 363 28.98 17.26 -5.71
CA LEU B 363 27.67 17.78 -6.01
C LEU B 363 27.64 18.68 -7.24
N PHE B 364 28.79 18.90 -7.86
CA PHE B 364 28.90 19.89 -8.92
C PHE B 364 29.40 19.32 -10.24
N ASN B 365 29.68 18.02 -10.25
CA ASN B 365 30.22 17.37 -11.44
C ASN B 365 29.14 17.02 -12.46
N PHE B 366 28.49 18.03 -13.02
CA PHE B 366 27.42 17.83 -14.00
C PHE B 366 27.94 17.45 -15.38
N THR B 367 27.18 16.60 -16.06
CA THR B 367 27.44 16.29 -17.47
C THR B 367 26.51 17.13 -18.35
N THR B 368 26.89 17.32 -19.60
CA THR B 368 26.07 18.08 -20.53
C THR B 368 24.66 17.49 -20.59
N GLN B 369 24.57 16.20 -20.29
CA GLN B 369 23.28 15.51 -20.23
C GLN B 369 22.42 16.06 -19.09
N GLU B 370 22.93 15.98 -17.87
CA GLU B 370 22.21 16.45 -16.70
C GLU B 370 21.72 17.89 -16.91
N LEU B 371 22.56 18.71 -17.52
CA LEU B 371 22.26 20.11 -17.73
C LEU B 371 21.43 20.36 -19.00
N SER B 372 21.06 19.29 -19.69
CA SER B 372 20.49 19.40 -21.03
C SER B 372 19.19 20.21 -21.12
N SER B 373 18.40 20.19 -20.05
CA SER B 373 17.12 20.90 -20.05
C SER B 373 17.30 22.41 -19.94
N ASN B 374 18.44 22.83 -19.41
CA ASN B 374 18.71 24.26 -19.23
C ASN B 374 20.17 24.57 -18.94
N PRO B 375 21.05 24.40 -19.95
CA PRO B 375 22.50 24.58 -19.80
C PRO B 375 22.89 25.87 -19.07
N PRO B 376 22.26 27.00 -19.43
CA PRO B 376 22.55 28.28 -18.81
C PRO B 376 22.58 28.22 -17.28
N LEU B 377 21.90 27.24 -16.69
CA LEU B 377 21.85 27.11 -15.24
C LEU B 377 23.20 26.75 -14.64
N ALA B 378 24.16 26.39 -15.51
CA ALA B 378 25.48 25.97 -15.06
C ALA B 378 26.20 27.05 -14.25
N THR B 379 25.86 28.31 -14.53
CA THR B 379 26.46 29.44 -13.84
C THR B 379 26.23 29.35 -12.34
N ILE B 380 25.07 28.81 -11.97
CA ILE B 380 24.69 28.72 -10.56
C ILE B 380 25.03 27.36 -9.96
N LEU B 381 24.71 26.30 -10.68
CA LEU B 381 24.92 24.94 -10.19
C LEU B 381 26.39 24.62 -9.97
N ILE B 382 27.23 25.08 -10.90
CA ILE B 382 28.68 24.90 -10.78
C ILE B 382 29.31 26.21 -10.33
N PRO B 383 29.60 26.32 -9.05
CA PRO B 383 30.14 27.54 -8.50
C PRO B 383 31.57 27.64 -8.90
N PRO B 384 32.11 28.83 -8.86
CA PRO B 384 33.42 29.07 -9.44
C PRO B 384 34.45 28.21 -8.77
N HIS B 385 34.38 28.11 -7.48
CA HIS B 385 35.44 27.45 -6.80
C HIS B 385 35.45 26.04 -7.25
N ALA B 386 34.42 25.64 -7.96
CA ALA B 386 34.36 24.26 -8.39
C ALA B 386 34.68 24.00 -9.83
N ARG B 387 35.15 25.00 -10.55
CA ARG B 387 35.42 24.79 -11.97
C ARG B 387 36.90 24.67 -12.27
O 1JX C . -19.24 -1.94 -1.06
C 1JX C . -18.83 -0.85 -0.66
NAG 1JX C . -19.74 -0.01 0.01
CAK 1JX C . -19.33 1.24 0.49
NAF 1JX C . -20.13 1.94 1.31
CAD 1JX C . -19.71 3.18 1.79
CAC 1JX C . -18.48 3.70 1.42
CAE 1JX C . -17.67 2.97 0.58
CAJ 1JX C . -18.10 1.74 0.11
N 1JX C . -17.30 0.98 -0.74
CA 1JX C . -17.50 -0.48 -0.87
CB 1JX C . -17.05 -0.97 -2.24
S SO4 D . -3.96 -15.40 -7.81
O1 SO4 D . -3.50 -16.17 -6.64
O2 SO4 D . -4.82 -14.28 -7.38
O3 SO4 D . -2.79 -14.86 -8.54
O4 SO4 D . -4.75 -16.30 -8.71
S SO4 E . -19.68 3.19 18.25
O1 SO4 E . -19.12 3.21 19.62
O2 SO4 E . -21.16 3.17 18.31
O3 SO4 E . -19.22 4.38 17.52
O4 SO4 E . -19.22 1.96 17.55
CL CL F . -25.19 1.15 19.84
O 1JX G . 18.27 -1.37 -5.06
C 1JX G . 18.05 -1.67 -3.89
NAG 1JX G . 19.14 -1.75 -3.01
CAK 1JX G . 18.95 -2.08 -1.66
NAF 1JX G . 19.93 -1.89 -0.77
CAD 1JX G . 19.72 -2.23 0.57
CAC 1JX G . 18.50 -2.74 0.98
CAE 1JX G . 17.49 -2.93 0.06
CAJ 1JX G . 17.72 -2.59 -1.27
N 1JX G . 16.73 -2.75 -2.23
CA 1JX G . 16.74 -1.92 -3.44
CB 1JX G . 15.92 -2.57 -4.56
S SO4 H . 1.59 2.23 -17.43
O1 SO4 H . 0.19 1.76 -17.27
O2 SO4 H . 1.62 3.70 -17.31
O3 SO4 H . 2.43 1.61 -16.37
O4 SO4 H . 2.11 1.83 -18.75
#